data_5WOV
#
_entry.id   5WOV
#
_entity_poly.entity_id   1
_entity_poly.type   'polypeptide(L)'
_entity_poly.pdbx_seq_one_letter_code
;GGVCPKILQRCRRDSDCPGACICRGNGYCGSGSD
;
_entity_poly.pdbx_strand_id   A
#
# COMPACT_ATOMS: atom_id res chain seq x y z
N GLY A 1 4.61 -7.66 -0.49
CA GLY A 1 4.74 -8.71 0.48
C GLY A 1 4.58 -8.15 1.87
N GLY A 2 3.35 -8.09 2.32
CA GLY A 2 3.02 -7.58 3.63
C GLY A 2 1.57 -7.82 3.90
N VAL A 3 1.18 -7.88 5.15
CA VAL A 3 -0.21 -8.15 5.49
C VAL A 3 -1.06 -6.91 5.32
N CYS A 4 -2.00 -6.99 4.42
CA CYS A 4 -2.92 -5.92 4.15
C CYS A 4 -4.25 -6.51 3.77
N PRO A 5 -5.36 -5.92 4.26
CA PRO A 5 -6.69 -6.34 3.85
C PRO A 5 -6.86 -6.03 2.35
N LYS A 6 -6.62 -4.78 2.01
CA LYS A 6 -6.62 -4.34 0.64
C LYS A 6 -5.21 -4.53 0.12
N ILE A 7 -5.03 -5.42 -0.82
CA ILE A 7 -3.69 -5.75 -1.32
C ILE A 7 -3.35 -4.91 -2.54
N LEU A 8 -4.32 -4.22 -2.99
CA LEU A 8 -4.20 -3.38 -4.13
C LEU A 8 -5.00 -2.15 -3.89
N GLN A 9 -4.34 -1.13 -3.46
CA GLN A 9 -4.96 0.12 -3.18
C GLN A 9 -4.04 1.22 -3.65
N ARG A 10 -4.62 2.28 -4.15
CA ARG A 10 -3.89 3.46 -4.52
C ARG A 10 -3.81 4.32 -3.27
N CYS A 11 -2.84 5.16 -3.16
CA CYS A 11 -2.69 5.88 -1.92
C CYS A 11 -2.70 7.36 -2.08
N ARG A 12 -3.27 8.00 -1.09
CA ARG A 12 -3.26 9.44 -0.97
C ARG A 12 -2.03 9.80 -0.19
N ARG A 13 -1.85 9.08 0.89
CA ARG A 13 -0.73 9.20 1.77
C ARG A 13 -0.53 7.86 2.41
N ASP A 14 0.56 7.71 3.11
CA ASP A 14 0.96 6.42 3.70
C ASP A 14 -0.06 5.92 4.69
N SER A 15 -0.58 6.81 5.50
CA SER A 15 -1.56 6.50 6.51
C SER A 15 -2.91 6.07 5.92
N ASP A 16 -3.10 6.27 4.62
CA ASP A 16 -4.33 5.86 3.96
C ASP A 16 -4.24 4.37 3.59
N CYS A 17 -3.03 3.85 3.57
CA CYS A 17 -2.83 2.47 3.27
C CYS A 17 -3.06 1.63 4.54
N PRO A 18 -3.81 0.54 4.43
CA PRO A 18 -4.14 -0.32 5.56
C PRO A 18 -3.04 -1.35 5.82
N GLY A 19 -3.03 -1.90 7.02
CA GLY A 19 -2.06 -2.91 7.40
C GLY A 19 -0.62 -2.42 7.32
N ALA A 20 0.23 -3.24 6.74
CA ALA A 20 1.65 -2.94 6.60
C ALA A 20 1.94 -2.15 5.33
N CYS A 21 0.91 -1.95 4.53
CA CYS A 21 1.00 -1.25 3.28
C CYS A 21 1.53 0.15 3.45
N ILE A 22 2.50 0.49 2.65
CA ILE A 22 3.07 1.80 2.64
C ILE A 22 2.76 2.45 1.30
N CYS A 23 2.78 3.74 1.26
CA CYS A 23 2.52 4.44 0.02
C CYS A 23 3.81 4.59 -0.76
N ARG A 24 3.79 4.22 -2.01
CA ARG A 24 4.95 4.32 -2.84
C ARG A 24 4.82 5.51 -3.78
N GLY A 25 5.89 5.84 -4.45
CA GLY A 25 5.96 7.02 -5.30
C GLY A 25 5.09 6.92 -6.51
N ASN A 26 4.76 5.72 -6.89
CA ASN A 26 3.91 5.47 -8.03
C ASN A 26 2.44 5.71 -7.67
N GLY A 27 2.17 5.86 -6.38
CA GLY A 27 0.84 6.14 -5.93
C GLY A 27 0.09 4.90 -5.51
N TYR A 28 0.80 3.82 -5.29
CA TYR A 28 0.19 2.59 -4.83
C TYR A 28 0.64 2.23 -3.46
N CYS A 29 -0.21 1.50 -2.76
CA CYS A 29 0.14 0.93 -1.50
C CYS A 29 0.98 -0.32 -1.80
N GLY A 30 2.29 -0.11 -1.77
CA GLY A 30 3.22 -1.08 -2.29
C GLY A 30 3.44 -2.30 -1.44
N SER A 31 3.84 -2.08 -0.19
CA SER A 31 4.22 -3.15 0.73
C SER A 31 3.24 -4.33 0.78
N GLY A 32 1.95 -4.07 0.73
CA GLY A 32 0.98 -5.16 0.78
C GLY A 32 0.97 -5.98 -0.49
N SER A 33 1.04 -5.28 -1.60
CA SER A 33 1.05 -5.89 -2.91
C SER A 33 2.40 -6.60 -3.14
N ASP A 34 3.43 -6.09 -2.51
CA ASP A 34 4.76 -6.61 -2.63
C ASP A 34 4.94 -7.83 -1.74
N GLY A 1 4.71 -7.92 -0.68
CA GLY A 1 4.48 -9.16 0.01
C GLY A 1 4.34 -9.00 1.50
N GLY A 2 3.88 -7.85 1.92
CA GLY A 2 3.69 -7.59 3.32
C GLY A 2 2.29 -7.94 3.74
N VAL A 3 1.98 -7.75 4.99
CA VAL A 3 0.69 -8.11 5.52
C VAL A 3 -0.35 -7.03 5.23
N CYS A 4 -0.99 -7.19 4.13
CA CYS A 4 -2.03 -6.30 3.67
C CYS A 4 -3.13 -7.12 3.03
N PRO A 5 -4.41 -6.77 3.28
CA PRO A 5 -5.54 -7.48 2.66
C PRO A 5 -5.56 -7.25 1.15
N LYS A 6 -5.32 -6.01 0.77
CA LYS A 6 -5.30 -5.62 -0.62
C LYS A 6 -3.89 -5.77 -1.17
N ILE A 7 -3.78 -6.34 -2.34
CA ILE A 7 -2.48 -6.48 -3.01
C ILE A 7 -2.40 -5.40 -4.11
N LEU A 8 -3.47 -4.72 -4.24
CA LEU A 8 -3.64 -3.66 -5.17
C LEU A 8 -4.52 -2.63 -4.50
N GLN A 9 -3.91 -1.61 -3.97
CA GLN A 9 -4.61 -0.56 -3.30
C GLN A 9 -3.89 0.74 -3.58
N ARG A 10 -4.65 1.76 -3.87
CA ARG A 10 -4.10 3.06 -4.19
C ARG A 10 -3.90 3.83 -2.91
N CYS A 11 -3.01 4.75 -2.93
CA CYS A 11 -2.75 5.56 -1.79
C CYS A 11 -2.49 6.97 -2.17
N ARG A 12 -2.86 7.83 -1.29
CA ARG A 12 -2.53 9.22 -1.39
C ARG A 12 -1.35 9.47 -0.44
N ARG A 13 -1.36 8.74 0.66
CA ARG A 13 -0.31 8.80 1.66
C ARG A 13 -0.20 7.46 2.34
N ASP A 14 0.83 7.32 3.14
CA ASP A 14 1.15 6.05 3.82
C ASP A 14 0.00 5.56 4.69
N SER A 15 -0.55 6.47 5.44
CA SER A 15 -1.64 6.19 6.34
C SER A 15 -2.94 5.89 5.61
N ASP A 16 -2.96 6.17 4.32
CA ASP A 16 -4.11 5.91 3.47
C ASP A 16 -4.10 4.44 3.06
N CYS A 17 -2.96 3.82 3.25
CA CYS A 17 -2.80 2.40 3.01
C CYS A 17 -3.17 1.60 4.25
N PRO A 18 -3.91 0.51 4.08
CA PRO A 18 -4.31 -0.36 5.19
C PRO A 18 -3.18 -1.31 5.63
N GLY A 19 -3.23 -1.71 6.89
CA GLY A 19 -2.27 -2.67 7.43
C GLY A 19 -0.84 -2.16 7.44
N ALA A 20 0.06 -2.99 6.97
CA ALA A 20 1.49 -2.68 6.97
C ALA A 20 1.90 -2.00 5.66
N CYS A 21 0.93 -1.62 4.89
CA CYS A 21 1.18 -0.99 3.62
C CYS A 21 1.68 0.44 3.74
N ILE A 22 2.69 0.71 2.94
CA ILE A 22 3.28 2.02 2.81
C ILE A 22 2.95 2.53 1.42
N CYS A 23 2.95 3.80 1.24
CA CYS A 23 2.59 4.38 -0.02
C CYS A 23 3.82 4.55 -0.92
N ARG A 24 3.76 4.02 -2.13
CA ARG A 24 4.83 4.18 -3.09
C ARG A 24 4.69 5.52 -3.80
N GLY A 25 5.74 5.93 -4.50
CA GLY A 25 5.75 7.21 -5.21
C GLY A 25 4.71 7.30 -6.30
N ASN A 26 4.35 6.15 -6.85
CA ASN A 26 3.33 6.07 -7.90
C ASN A 26 1.94 6.30 -7.31
N GLY A 27 1.83 6.13 -6.02
CA GLY A 27 0.58 6.31 -5.35
C GLY A 27 -0.17 5.01 -5.12
N TYR A 28 0.57 3.93 -4.97
CA TYR A 28 -0.02 2.63 -4.66
C TYR A 28 0.68 1.98 -3.49
N CYS A 29 -0.06 1.18 -2.74
CA CYS A 29 0.42 0.53 -1.55
C CYS A 29 1.52 -0.50 -1.86
N GLY A 30 2.73 -0.14 -1.50
CA GLY A 30 3.90 -0.91 -1.83
C GLY A 30 3.95 -2.28 -1.24
N SER A 31 3.81 -2.36 0.06
CA SER A 31 3.89 -3.61 0.80
C SER A 31 2.85 -4.62 0.28
N GLY A 32 1.71 -4.11 -0.20
CA GLY A 32 0.66 -4.95 -0.72
C GLY A 32 1.14 -5.76 -1.91
N SER A 33 1.72 -5.08 -2.87
CA SER A 33 2.22 -5.71 -4.05
C SER A 33 3.51 -6.49 -3.73
N ASP A 34 4.31 -5.94 -2.85
CA ASP A 34 5.59 -6.53 -2.46
C ASP A 34 5.40 -7.89 -1.79
N GLY A 1 3.93 -7.95 -1.64
CA GLY A 1 3.81 -9.19 -0.91
C GLY A 1 2.38 -9.60 -0.71
N GLY A 2 1.52 -8.64 -0.44
CA GLY A 2 0.13 -8.97 -0.21
C GLY A 2 -0.17 -9.04 1.26
N VAL A 3 0.48 -8.18 2.03
CA VAL A 3 0.32 -8.12 3.48
C VAL A 3 -0.91 -7.27 3.84
N CYS A 4 -1.63 -6.94 2.85
CA CYS A 4 -2.79 -6.11 2.96
C CYS A 4 -3.94 -6.81 2.30
N PRO A 5 -5.19 -6.57 2.74
CA PRO A 5 -6.38 -7.16 2.13
C PRO A 5 -6.53 -6.71 0.67
N LYS A 6 -6.24 -5.45 0.42
CA LYS A 6 -6.25 -4.92 -0.91
C LYS A 6 -4.86 -5.11 -1.50
N ILE A 7 -4.80 -5.76 -2.64
CA ILE A 7 -3.52 -6.10 -3.27
C ILE A 7 -3.22 -5.10 -4.39
N LEU A 8 -4.09 -4.15 -4.49
CA LEU A 8 -4.00 -3.10 -5.44
C LEU A 8 -4.82 -1.93 -4.94
N GLN A 9 -4.15 -0.94 -4.47
CA GLN A 9 -4.81 0.21 -3.93
C GLN A 9 -3.98 1.42 -4.19
N ARG A 10 -4.62 2.49 -4.62
CA ARG A 10 -3.95 3.75 -4.79
C ARG A 10 -3.76 4.37 -3.41
N CYS A 11 -2.80 5.23 -3.26
CA CYS A 11 -2.58 5.83 -1.96
C CYS A 11 -2.57 7.31 -2.01
N ARG A 12 -3.07 7.87 -0.95
CA ARG A 12 -2.99 9.29 -0.73
C ARG A 12 -1.76 9.53 0.13
N ARG A 13 -1.62 8.68 1.15
CA ARG A 13 -0.51 8.67 2.07
C ARG A 13 -0.39 7.29 2.69
N ASP A 14 0.65 7.08 3.47
CA ASP A 14 0.93 5.74 4.05
C ASP A 14 -0.20 5.27 4.94
N SER A 15 -0.71 6.18 5.76
CA SER A 15 -1.80 5.88 6.68
C SER A 15 -3.13 5.64 5.94
N ASP A 16 -3.16 5.99 4.67
CA ASP A 16 -4.34 5.81 3.84
C ASP A 16 -4.37 4.37 3.32
N CYS A 17 -3.23 3.74 3.41
CA CYS A 17 -3.09 2.36 3.03
C CYS A 17 -3.39 1.47 4.25
N PRO A 18 -3.79 0.20 4.04
CA PRO A 18 -4.13 -0.71 5.13
C PRO A 18 -2.91 -1.29 5.84
N GLY A 19 -2.88 -1.10 7.15
CA GLY A 19 -1.88 -1.68 8.04
C GLY A 19 -0.44 -1.48 7.61
N ALA A 20 0.16 -2.54 7.11
CA ALA A 20 1.56 -2.57 6.76
C ALA A 20 1.83 -1.94 5.39
N CYS A 21 0.79 -1.75 4.61
CA CYS A 21 0.94 -1.07 3.34
C CYS A 21 1.50 0.33 3.50
N ILE A 22 2.42 0.63 2.64
CA ILE A 22 3.05 1.90 2.57
C ILE A 22 2.78 2.47 1.19
N CYS A 23 2.78 3.76 1.09
CA CYS A 23 2.50 4.45 -0.13
C CYS A 23 3.79 4.62 -0.89
N ARG A 24 3.78 4.41 -2.19
CA ARG A 24 4.99 4.54 -2.95
C ARG A 24 4.91 5.69 -3.95
N GLY A 25 5.99 5.93 -4.65
CA GLY A 25 6.09 7.01 -5.61
C GLY A 25 5.19 6.84 -6.80
N ASN A 26 4.77 5.61 -7.04
CA ASN A 26 3.86 5.30 -8.12
C ASN A 26 2.43 5.70 -7.76
N GLY A 27 2.20 6.02 -6.50
CA GLY A 27 0.91 6.44 -6.05
C GLY A 27 0.03 5.28 -5.63
N TYR A 28 0.66 4.16 -5.33
CA TYR A 28 -0.07 2.98 -4.90
C TYR A 28 0.55 2.41 -3.64
N CYS A 29 -0.23 1.62 -2.95
CA CYS A 29 0.21 0.95 -1.74
C CYS A 29 1.09 -0.24 -2.14
N GLY A 30 2.38 -0.06 -1.97
CA GLY A 30 3.36 -0.97 -2.52
C GLY A 30 3.37 -2.35 -1.92
N SER A 31 3.56 -2.41 -0.62
CA SER A 31 3.69 -3.66 0.13
C SER A 31 2.46 -4.58 -0.08
N GLY A 32 1.33 -3.99 -0.41
CA GLY A 32 0.12 -4.74 -0.64
C GLY A 32 0.15 -5.47 -1.95
N SER A 33 0.79 -4.89 -2.94
CA SER A 33 0.88 -5.50 -4.23
C SER A 33 2.14 -6.37 -4.29
N ASP A 34 3.20 -5.91 -3.63
CA ASP A 34 4.47 -6.62 -3.58
C ASP A 34 4.32 -7.97 -2.88
N GLY A 1 7.42 -5.95 -0.63
CA GLY A 1 7.84 -7.07 0.16
C GLY A 1 6.81 -8.17 0.14
N GLY A 2 5.56 -7.78 0.18
CA GLY A 2 4.49 -8.73 0.14
C GLY A 2 3.61 -8.65 1.35
N VAL A 3 3.89 -7.72 2.23
CA VAL A 3 3.09 -7.59 3.45
C VAL A 3 1.94 -6.62 3.22
N CYS A 4 0.93 -7.14 2.60
CA CYS A 4 -0.34 -6.49 2.32
C CYS A 4 -1.36 -7.54 1.98
N PRO A 5 -2.39 -7.73 2.80
CA PRO A 5 -3.48 -8.65 2.50
C PRO A 5 -4.34 -8.09 1.35
N LYS A 6 -4.33 -6.79 1.24
CA LYS A 6 -5.07 -6.09 0.22
C LYS A 6 -4.21 -5.95 -1.03
N ILE A 7 -4.80 -5.40 -2.07
CA ILE A 7 -4.12 -5.17 -3.34
C ILE A 7 -3.27 -3.91 -3.27
N LEU A 8 -2.67 -3.56 -4.39
CA LEU A 8 -1.89 -2.35 -4.46
C LEU A 8 -2.82 -1.25 -4.86
N GLN A 9 -3.58 -0.83 -3.90
CA GLN A 9 -4.56 0.20 -4.05
C GLN A 9 -3.82 1.54 -4.19
N ARG A 10 -4.44 2.53 -4.80
CA ARG A 10 -3.83 3.83 -4.90
C ARG A 10 -3.76 4.45 -3.51
N CYS A 11 -2.82 5.28 -3.29
CA CYS A 11 -2.65 5.86 -1.98
C CYS A 11 -2.55 7.34 -2.01
N ARG A 12 -2.95 7.90 -0.91
CA ARG A 12 -2.79 9.31 -0.65
C ARG A 12 -1.54 9.48 0.24
N ARG A 13 -1.44 8.61 1.24
CA ARG A 13 -0.34 8.59 2.19
C ARG A 13 -0.22 7.20 2.77
N ASP A 14 0.79 6.99 3.61
CA ASP A 14 1.05 5.65 4.21
C ASP A 14 -0.16 5.14 4.98
N SER A 15 -0.72 5.99 5.81
CA SER A 15 -1.86 5.67 6.62
C SER A 15 -3.14 5.51 5.80
N ASP A 16 -3.08 5.92 4.55
CA ASP A 16 -4.21 5.79 3.64
C ASP A 16 -4.23 4.37 3.07
N CYS A 17 -3.13 3.68 3.27
CA CYS A 17 -3.03 2.30 2.92
C CYS A 17 -3.23 1.46 4.18
N PRO A 18 -3.90 0.31 4.06
CA PRO A 18 -4.24 -0.54 5.21
C PRO A 18 -3.04 -1.26 5.85
N GLY A 19 -2.86 -1.05 7.14
CA GLY A 19 -1.87 -1.76 7.92
C GLY A 19 -0.44 -1.46 7.55
N ALA A 20 0.26 -2.49 7.10
CA ALA A 20 1.66 -2.39 6.76
C ALA A 20 1.87 -1.85 5.37
N CYS A 21 0.78 -1.65 4.67
CA CYS A 21 0.84 -1.08 3.35
C CYS A 21 1.26 0.38 3.41
N ILE A 22 2.31 0.71 2.71
CA ILE A 22 2.84 2.05 2.65
C ILE A 22 2.61 2.62 1.28
N CYS A 23 2.66 3.92 1.17
CA CYS A 23 2.43 4.58 -0.09
C CYS A 23 3.75 4.72 -0.85
N ARG A 24 3.72 4.49 -2.14
CA ARG A 24 4.91 4.65 -2.95
C ARG A 24 4.76 5.78 -3.95
N GLY A 25 5.86 6.09 -4.62
CA GLY A 25 5.91 7.17 -5.60
C GLY A 25 5.06 6.91 -6.82
N ASN A 26 4.73 5.66 -7.04
CA ASN A 26 3.84 5.29 -8.13
C ASN A 26 2.40 5.60 -7.80
N GLY A 27 2.15 5.90 -6.54
CA GLY A 27 0.84 6.25 -6.09
C GLY A 27 0.03 5.06 -5.66
N TYR A 28 0.70 3.98 -5.35
CA TYR A 28 0.03 2.77 -4.90
C TYR A 28 0.64 2.28 -3.61
N CYS A 29 -0.12 1.46 -2.91
CA CYS A 29 0.32 0.80 -1.72
C CYS A 29 1.44 -0.18 -2.09
N GLY A 30 2.64 0.22 -1.78
CA GLY A 30 3.83 -0.43 -2.27
C GLY A 30 4.12 -1.76 -1.66
N SER A 31 3.92 -1.86 -0.33
CA SER A 31 4.23 -3.05 0.44
C SER A 31 3.73 -4.33 -0.21
N GLY A 32 2.63 -4.21 -0.95
CA GLY A 32 2.03 -5.33 -1.65
C GLY A 32 2.99 -6.05 -2.58
N SER A 33 3.82 -5.31 -3.28
CA SER A 33 4.77 -5.93 -4.17
C SER A 33 6.20 -5.57 -3.74
N ASP A 34 6.32 -4.65 -2.78
CA ASP A 34 7.62 -4.24 -2.26
C ASP A 34 8.23 -5.37 -1.48
N GLY A 1 7.40 -6.76 -0.24
CA GLY A 1 7.91 -7.76 0.66
C GLY A 1 7.18 -7.71 1.95
N GLY A 2 5.89 -7.64 1.85
CA GLY A 2 5.06 -7.58 2.99
C GLY A 2 3.80 -8.32 2.73
N VAL A 3 3.07 -8.61 3.75
CA VAL A 3 1.85 -9.36 3.59
C VAL A 3 0.65 -8.44 3.74
N CYS A 4 0.17 -8.01 2.62
CA CYS A 4 -1.04 -7.24 2.54
C CYS A 4 -2.14 -8.18 2.10
N PRO A 5 -3.20 -8.35 2.92
CA PRO A 5 -4.34 -9.19 2.59
C PRO A 5 -4.96 -8.81 1.24
N LYS A 6 -5.13 -7.53 1.02
CA LYS A 6 -5.70 -7.06 -0.22
C LYS A 6 -4.62 -6.83 -1.28
N ILE A 7 -5.05 -6.42 -2.45
CA ILE A 7 -4.16 -6.22 -3.60
C ILE A 7 -3.54 -4.79 -3.51
N LEU A 8 -2.77 -4.38 -4.51
CA LEU A 8 -2.07 -3.13 -4.52
C LEU A 8 -3.07 -2.07 -4.83
N GLN A 9 -3.58 -1.49 -3.82
CA GLN A 9 -4.53 -0.45 -4.01
C GLN A 9 -3.77 0.84 -4.25
N ARG A 10 -4.46 1.89 -4.62
CA ARG A 10 -3.80 3.14 -4.77
C ARG A 10 -3.73 3.81 -3.42
N CYS A 11 -2.86 4.75 -3.27
CA CYS A 11 -2.75 5.45 -2.03
C CYS A 11 -2.70 6.93 -2.24
N ARG A 12 -3.22 7.62 -1.29
CA ARG A 12 -3.13 9.06 -1.26
C ARG A 12 -1.87 9.43 -0.53
N ARG A 13 -1.76 8.91 0.65
CA ARG A 13 -0.63 9.11 1.50
C ARG A 13 -0.28 7.80 2.14
N ASP A 14 0.78 7.77 2.91
CA ASP A 14 1.27 6.49 3.46
C ASP A 14 0.28 5.92 4.46
N SER A 15 -0.26 6.78 5.28
CA SER A 15 -1.27 6.43 6.25
C SER A 15 -2.58 5.98 5.58
N ASP A 16 -2.71 6.23 4.27
CA ASP A 16 -3.90 5.86 3.51
C ASP A 16 -3.81 4.37 3.11
N CYS A 17 -2.64 3.80 3.27
CA CYS A 17 -2.48 2.38 3.05
C CYS A 17 -2.81 1.63 4.35
N PRO A 18 -3.70 0.65 4.27
CA PRO A 18 -4.16 -0.12 5.43
C PRO A 18 -3.09 -1.10 5.95
N GLY A 19 -3.14 -1.36 7.24
CA GLY A 19 -2.25 -2.30 7.88
C GLY A 19 -0.79 -2.00 7.67
N ALA A 20 -0.05 -2.99 7.20
CA ALA A 20 1.38 -2.85 7.01
C ALA A 20 1.72 -2.36 5.61
N CYS A 21 0.70 -2.19 4.78
CA CYS A 21 0.89 -1.68 3.45
C CYS A 21 1.43 -0.26 3.51
N ILE A 22 2.47 0.00 2.76
CA ILE A 22 3.07 1.30 2.70
C ILE A 22 2.82 1.92 1.35
N CYS A 23 2.77 3.20 1.29
CA CYS A 23 2.49 3.91 0.07
C CYS A 23 3.77 4.15 -0.71
N ARG A 24 3.67 4.18 -2.01
CA ARG A 24 4.80 4.45 -2.86
C ARG A 24 4.57 5.77 -3.58
N GLY A 25 5.64 6.38 -4.08
CA GLY A 25 5.58 7.67 -4.75
C GLY A 25 4.73 7.68 -6.00
N ASN A 26 4.51 6.51 -6.58
CA ASN A 26 3.68 6.35 -7.77
C ASN A 26 2.19 6.41 -7.41
N GLY A 27 1.87 6.16 -6.16
CA GLY A 27 0.52 6.23 -5.72
C GLY A 27 -0.12 4.88 -5.52
N TYR A 28 0.68 3.88 -5.24
CA TYR A 28 0.16 2.55 -4.93
C TYR A 28 0.77 2.02 -3.66
N CYS A 29 0.04 1.19 -2.95
CA CYS A 29 0.54 0.57 -1.75
C CYS A 29 1.49 -0.56 -2.12
N GLY A 30 2.73 -0.41 -1.72
CA GLY A 30 3.81 -1.23 -2.22
C GLY A 30 3.98 -2.58 -1.59
N SER A 31 3.81 -2.68 -0.26
CA SER A 31 4.11 -3.89 0.54
C SER A 31 3.61 -5.17 -0.09
N GLY A 32 2.43 -5.09 -0.69
CA GLY A 32 1.79 -6.24 -1.31
C GLY A 32 2.66 -6.93 -2.37
N SER A 33 3.45 -6.14 -3.08
CA SER A 33 4.31 -6.67 -4.11
C SER A 33 5.74 -6.22 -3.84
N ASP A 34 6.01 -5.86 -2.61
CA ASP A 34 7.34 -5.43 -2.22
C ASP A 34 7.99 -6.49 -1.37
N GLY A 1 3.12 -8.02 -1.40
CA GLY A 1 2.83 -9.24 -0.69
C GLY A 1 3.16 -9.11 0.77
N GLY A 2 2.42 -8.27 1.44
CA GLY A 2 2.68 -8.04 2.83
C GLY A 2 1.42 -8.11 3.66
N VAL A 3 1.43 -7.47 4.80
CA VAL A 3 0.30 -7.49 5.71
C VAL A 3 -0.65 -6.37 5.35
N CYS A 4 -1.48 -6.63 4.39
CA CYS A 4 -2.44 -5.66 3.91
C CYS A 4 -3.70 -6.36 3.42
N PRO A 5 -4.88 -5.92 3.89
CA PRO A 5 -6.14 -6.48 3.40
C PRO A 5 -6.39 -6.05 1.96
N LYS A 6 -6.05 -4.81 1.64
CA LYS A 6 -6.16 -4.31 0.29
C LYS A 6 -4.86 -4.61 -0.44
N ILE A 7 -4.96 -5.39 -1.48
CA ILE A 7 -3.81 -5.82 -2.23
C ILE A 7 -3.67 -5.04 -3.51
N LEU A 8 -4.52 -4.08 -3.65
CA LEU A 8 -4.55 -3.21 -4.80
C LEU A 8 -5.36 -1.96 -4.46
N GLN A 9 -4.67 -0.95 -4.00
CA GLN A 9 -5.28 0.31 -3.66
C GLN A 9 -4.27 1.41 -3.97
N ARG A 10 -4.75 2.56 -4.40
CA ARG A 10 -3.89 3.68 -4.59
C ARG A 10 -3.74 4.40 -3.25
N CYS A 11 -2.76 5.23 -3.11
CA CYS A 11 -2.54 5.88 -1.86
C CYS A 11 -2.47 7.36 -1.99
N ARG A 12 -2.86 8.01 -0.93
CA ARG A 12 -2.73 9.47 -0.81
C ARG A 12 -1.66 9.76 0.21
N ARG A 13 -1.44 8.77 1.06
CA ARG A 13 -0.49 8.80 2.15
C ARG A 13 -0.37 7.40 2.68
N ASP A 14 0.61 7.16 3.51
CA ASP A 14 0.88 5.80 4.01
C ASP A 14 -0.26 5.36 4.90
N SER A 15 -0.80 6.30 5.66
CA SER A 15 -1.91 6.04 6.56
C SER A 15 -3.21 5.76 5.80
N ASP A 16 -3.20 6.06 4.51
CA ASP A 16 -4.35 5.79 3.66
C ASP A 16 -4.34 4.32 3.25
N CYS A 17 -3.18 3.73 3.35
CA CYS A 17 -3.02 2.35 3.04
C CYS A 17 -3.21 1.52 4.29
N PRO A 18 -4.06 0.49 4.22
CA PRO A 18 -4.36 -0.37 5.36
C PRO A 18 -3.19 -1.30 5.71
N GLY A 19 -3.17 -1.75 6.94
CA GLY A 19 -2.14 -2.66 7.40
C GLY A 19 -0.76 -2.06 7.42
N ALA A 20 0.19 -2.83 6.98
CA ALA A 20 1.59 -2.44 6.98
C ALA A 20 1.98 -1.78 5.65
N CYS A 21 0.99 -1.49 4.84
CA CYS A 21 1.20 -0.87 3.55
C CYS A 21 1.83 0.50 3.62
N ILE A 22 2.75 0.72 2.71
CA ILE A 22 3.41 1.99 2.53
C ILE A 22 2.97 2.59 1.20
N CYS A 23 3.00 3.88 1.12
CA CYS A 23 2.61 4.58 -0.09
C CYS A 23 3.82 4.75 -0.97
N ARG A 24 3.75 4.26 -2.19
CA ARG A 24 4.88 4.36 -3.09
C ARG A 24 4.76 5.59 -3.99
N GLY A 25 5.84 5.87 -4.71
CA GLY A 25 5.92 7.01 -5.59
C GLY A 25 5.01 6.86 -6.80
N ASN A 26 4.62 5.65 -7.11
CA ASN A 26 3.67 5.40 -8.21
C ASN A 26 2.25 5.72 -7.74
N GLY A 27 2.10 5.90 -6.45
CA GLY A 27 0.83 6.26 -5.89
C GLY A 27 0.02 5.07 -5.49
N TYR A 28 0.68 3.96 -5.20
CA TYR A 28 -0.02 2.76 -4.78
C TYR A 28 0.54 2.22 -3.48
N CYS A 29 -0.27 1.45 -2.81
CA CYS A 29 0.12 0.79 -1.57
C CYS A 29 1.08 -0.35 -1.89
N GLY A 30 2.35 -0.10 -1.64
CA GLY A 30 3.43 -1.00 -2.01
C GLY A 30 3.29 -2.40 -1.48
N SER A 31 3.27 -2.52 -0.18
CA SER A 31 3.20 -3.78 0.53
C SER A 31 2.01 -4.63 0.07
N GLY A 32 0.90 -3.98 -0.22
CA GLY A 32 -0.30 -4.67 -0.65
C GLY A 32 -0.11 -5.31 -2.00
N SER A 33 0.54 -4.60 -2.89
CA SER A 33 0.79 -5.08 -4.21
C SER A 33 1.96 -6.09 -4.19
N ASP A 34 2.90 -5.87 -3.28
CA ASP A 34 4.11 -6.69 -3.16
C ASP A 34 3.84 -8.04 -2.49
N GLY A 1 7.20 -6.29 -0.67
CA GLY A 1 7.60 -7.47 0.09
C GLY A 1 6.53 -8.54 0.08
N GLY A 2 5.32 -8.14 -0.23
CA GLY A 2 4.21 -9.04 -0.23
C GLY A 2 3.57 -9.10 1.13
N VAL A 3 3.63 -7.99 1.86
CA VAL A 3 3.15 -7.98 3.25
C VAL A 3 1.73 -7.39 3.33
N CYS A 4 1.14 -7.21 2.20
CA CYS A 4 -0.22 -6.69 2.13
C CYS A 4 -1.20 -7.80 1.89
N PRO A 5 -2.14 -8.02 2.82
CA PRO A 5 -3.24 -8.96 2.61
C PRO A 5 -4.19 -8.39 1.56
N LYS A 6 -4.22 -7.08 1.48
CA LYS A 6 -5.03 -6.36 0.55
C LYS A 6 -4.31 -6.17 -0.78
N ILE A 7 -5.00 -5.62 -1.74
CA ILE A 7 -4.49 -5.40 -3.08
C ILE A 7 -3.55 -4.20 -3.15
N LEU A 8 -3.02 -3.97 -4.34
CA LEU A 8 -2.16 -2.84 -4.62
C LEU A 8 -3.06 -1.67 -4.95
N GLN A 9 -3.63 -1.12 -3.93
CA GLN A 9 -4.56 -0.05 -4.07
C GLN A 9 -3.85 1.29 -4.10
N ARG A 10 -4.49 2.29 -4.67
CA ARG A 10 -3.92 3.63 -4.74
C ARG A 10 -3.82 4.24 -3.35
N CYS A 11 -2.88 5.11 -3.15
CA CYS A 11 -2.74 5.75 -1.86
C CYS A 11 -2.72 7.24 -1.96
N ARG A 12 -3.35 7.86 -1.02
CA ARG A 12 -3.32 9.31 -0.90
C ARG A 12 -2.08 9.65 -0.12
N ARG A 13 -2.00 9.08 1.05
CA ARG A 13 -0.87 9.22 1.93
C ARG A 13 -0.52 7.86 2.47
N ASP A 14 0.53 7.78 3.24
CA ASP A 14 1.03 6.48 3.70
C ASP A 14 0.03 5.77 4.59
N SER A 15 -0.51 6.51 5.52
CA SER A 15 -1.48 6.02 6.45
C SER A 15 -2.81 5.66 5.77
N ASP A 16 -2.97 6.10 4.51
CA ASP A 16 -4.18 5.80 3.73
C ASP A 16 -4.13 4.35 3.29
N CYS A 17 -2.95 3.76 3.33
CA CYS A 17 -2.77 2.37 3.05
C CYS A 17 -3.04 1.54 4.31
N PRO A 18 -3.77 0.43 4.17
CA PRO A 18 -4.14 -0.41 5.32
C PRO A 18 -3.00 -1.29 5.89
N GLY A 19 -2.77 -1.16 7.19
CA GLY A 19 -1.86 -2.03 7.90
C GLY A 19 -0.41 -1.90 7.51
N ALA A 20 0.14 -2.94 6.92
CA ALA A 20 1.54 -2.99 6.56
C ALA A 20 1.79 -2.31 5.24
N CYS A 21 0.72 -2.00 4.55
CA CYS A 21 0.79 -1.34 3.29
C CYS A 21 1.37 0.06 3.41
N ILE A 22 2.37 0.32 2.62
CA ILE A 22 3.04 1.60 2.60
C ILE A 22 2.76 2.27 1.29
N CYS A 23 2.75 3.56 1.28
CA CYS A 23 2.47 4.30 0.06
C CYS A 23 3.79 4.55 -0.67
N ARG A 24 3.79 4.36 -1.97
CA ARG A 24 5.01 4.53 -2.74
C ARG A 24 4.87 5.64 -3.76
N GLY A 25 5.98 5.96 -4.42
CA GLY A 25 6.03 7.06 -5.39
C GLY A 25 5.14 6.86 -6.61
N ASN A 26 4.77 5.63 -6.86
CA ASN A 26 3.88 5.31 -7.98
C ASN A 26 2.43 5.67 -7.63
N GLY A 27 2.19 5.97 -6.37
CA GLY A 27 0.88 6.36 -5.92
C GLY A 27 0.04 5.19 -5.48
N TYR A 28 0.70 4.09 -5.22
CA TYR A 28 0.03 2.88 -4.80
C TYR A 28 0.65 2.32 -3.54
N CYS A 29 -0.14 1.57 -2.82
CA CYS A 29 0.28 0.87 -1.65
C CYS A 29 1.23 -0.26 -2.06
N GLY A 30 2.48 -0.02 -1.84
CA GLY A 30 3.52 -0.81 -2.41
C GLY A 30 3.83 -2.10 -1.74
N SER A 31 3.55 -2.21 -0.45
CA SER A 31 3.96 -3.37 0.35
C SER A 31 3.53 -4.72 -0.27
N GLY A 32 2.43 -4.71 -1.00
CA GLY A 32 1.94 -5.92 -1.65
C GLY A 32 2.89 -6.44 -2.73
N SER A 33 3.53 -5.54 -3.42
CA SER A 33 4.44 -5.90 -4.47
C SER A 33 5.88 -5.88 -3.91
N ASP A 34 6.14 -4.89 -3.08
CA ASP A 34 7.44 -4.65 -2.44
C ASP A 34 7.94 -5.89 -1.69
N GLY A 1 4.63 -8.00 -0.41
CA GLY A 1 4.69 -9.15 0.46
C GLY A 1 3.33 -9.51 1.00
N GLY A 2 2.44 -8.54 1.02
CA GLY A 2 1.11 -8.75 1.51
C GLY A 2 0.90 -7.99 2.78
N VAL A 3 0.29 -8.64 3.76
CA VAL A 3 0.00 -8.08 5.08
C VAL A 3 -0.94 -6.84 4.94
N CYS A 4 -1.74 -6.88 3.90
CA CYS A 4 -2.69 -5.84 3.63
C CYS A 4 -4.00 -6.44 3.13
N PRO A 5 -5.15 -5.91 3.58
CA PRO A 5 -6.45 -6.37 3.12
C PRO A 5 -6.57 -6.24 1.59
N LYS A 6 -6.31 -5.05 1.11
CA LYS A 6 -6.31 -4.80 -0.31
C LYS A 6 -4.92 -5.06 -0.86
N ILE A 7 -4.86 -5.74 -1.98
CA ILE A 7 -3.59 -6.02 -2.64
C ILE A 7 -3.42 -5.02 -3.78
N LEU A 8 -4.46 -4.32 -4.01
CA LEU A 8 -4.57 -3.37 -5.06
C LEU A 8 -5.33 -2.18 -4.53
N GLN A 9 -4.58 -1.22 -4.06
CA GLN A 9 -5.15 -0.02 -3.59
C GLN A 9 -4.17 1.09 -3.87
N ARG A 10 -4.66 2.20 -4.32
CA ARG A 10 -3.86 3.36 -4.51
C ARG A 10 -3.72 4.09 -3.19
N CYS A 11 -2.78 4.98 -3.09
CA CYS A 11 -2.59 5.69 -1.86
C CYS A 11 -2.50 7.16 -2.06
N ARG A 12 -2.92 7.86 -1.04
CA ARG A 12 -2.79 9.31 -1.00
C ARG A 12 -1.72 9.67 0.01
N ARG A 13 -1.45 8.72 0.92
CA ARG A 13 -0.45 8.85 1.96
C ARG A 13 -0.29 7.52 2.66
N ASP A 14 0.71 7.43 3.50
CA ASP A 14 1.05 6.17 4.21
C ASP A 14 -0.12 5.64 5.03
N SER A 15 -0.75 6.52 5.79
CA SER A 15 -1.87 6.17 6.64
C SER A 15 -3.12 5.81 5.83
N ASP A 16 -3.10 6.13 4.54
CA ASP A 16 -4.21 5.84 3.64
C ASP A 16 -4.09 4.39 3.18
N CYS A 17 -2.92 3.84 3.39
CA CYS A 17 -2.68 2.46 3.10
C CYS A 17 -2.96 1.63 4.33
N PRO A 18 -3.85 0.65 4.22
CA PRO A 18 -4.23 -0.20 5.34
C PRO A 18 -3.15 -1.24 5.69
N GLY A 19 -3.09 -1.60 6.95
CA GLY A 19 -2.18 -2.63 7.39
C GLY A 19 -0.74 -2.19 7.35
N ALA A 20 0.11 -3.03 6.79
CA ALA A 20 1.53 -2.74 6.73
C ALA A 20 1.88 -2.01 5.45
N CYS A 21 0.87 -1.69 4.67
CA CYS A 21 1.06 -1.00 3.43
C CYS A 21 1.64 0.38 3.59
N ILE A 22 2.61 0.66 2.76
CA ILE A 22 3.26 1.93 2.69
C ILE A 22 2.89 2.57 1.36
N CYS A 23 2.94 3.87 1.29
CA CYS A 23 2.55 4.57 0.07
C CYS A 23 3.76 4.75 -0.85
N ARG A 24 3.67 4.25 -2.05
CA ARG A 24 4.72 4.36 -3.02
C ARG A 24 4.57 5.62 -3.85
N GLY A 25 5.65 6.07 -4.44
CA GLY A 25 5.66 7.24 -5.30
C GLY A 25 4.86 7.03 -6.57
N ASN A 26 4.63 5.76 -6.92
CA ASN A 26 3.83 5.41 -8.09
C ASN A 26 2.36 5.64 -7.81
N GLY A 27 2.03 5.85 -6.54
CA GLY A 27 0.67 6.13 -6.16
C GLY A 27 -0.05 4.92 -5.63
N TYR A 28 0.66 3.84 -5.38
CA TYR A 28 0.04 2.62 -4.88
C TYR A 28 0.59 2.19 -3.54
N CYS A 29 -0.19 1.41 -2.84
CA CYS A 29 0.23 0.82 -1.60
C CYS A 29 1.21 -0.31 -1.88
N GLY A 30 2.46 -0.07 -1.53
CA GLY A 30 3.56 -0.96 -1.87
C GLY A 30 3.48 -2.35 -1.30
N SER A 31 3.48 -2.44 0.03
CA SER A 31 3.53 -3.71 0.76
C SER A 31 2.51 -4.75 0.29
N GLY A 32 1.32 -4.28 -0.05
CA GLY A 32 0.23 -5.16 -0.47
C GLY A 32 0.60 -5.95 -1.71
N SER A 33 1.27 -5.30 -2.61
CA SER A 33 1.69 -5.89 -3.86
C SER A 33 3.19 -6.21 -3.78
N ASP A 34 3.68 -6.42 -2.59
CA ASP A 34 5.09 -6.71 -2.37
C ASP A 34 5.24 -7.98 -1.57
N GLY A 1 6.06 -7.47 0.11
CA GLY A 1 6.32 -8.40 1.18
C GLY A 1 5.54 -8.09 2.42
N GLY A 2 4.36 -7.54 2.23
CA GLY A 2 3.52 -7.19 3.33
C GLY A 2 2.17 -7.80 3.15
N VAL A 3 1.55 -8.18 4.23
CA VAL A 3 0.25 -8.80 4.16
C VAL A 3 -0.82 -7.79 4.51
N CYS A 4 -1.55 -7.40 3.52
CA CYS A 4 -2.65 -6.48 3.68
C CYS A 4 -3.85 -7.12 3.00
N PRO A 5 -5.08 -6.87 3.44
CA PRO A 5 -6.26 -7.37 2.73
C PRO A 5 -6.28 -6.79 1.31
N LYS A 6 -6.21 -5.48 1.23
CA LYS A 6 -6.13 -4.78 -0.03
C LYS A 6 -4.65 -4.63 -0.40
N ILE A 7 -4.19 -5.44 -1.34
CA ILE A 7 -2.76 -5.48 -1.69
C ILE A 7 -2.41 -4.53 -2.81
N LEU A 8 -3.41 -4.01 -3.39
CA LEU A 8 -3.28 -3.09 -4.47
C LEU A 8 -4.30 -2.02 -4.29
N GLN A 9 -3.85 -0.90 -3.83
CA GLN A 9 -4.69 0.21 -3.59
C GLN A 9 -3.92 1.44 -3.98
N ARG A 10 -4.60 2.43 -4.50
CA ARG A 10 -3.97 3.70 -4.75
C ARG A 10 -3.90 4.42 -3.43
N CYS A 11 -2.93 5.24 -3.24
CA CYS A 11 -2.79 5.92 -1.98
C CYS A 11 -2.68 7.42 -2.13
N ARG A 12 -3.17 8.10 -1.14
CA ARG A 12 -3.04 9.55 -1.06
C ARG A 12 -1.95 9.90 -0.03
N ARG A 13 -1.90 9.11 1.04
CA ARG A 13 -0.85 9.22 2.06
C ARG A 13 -0.43 7.85 2.47
N ASP A 14 0.64 7.77 3.20
CA ASP A 14 1.20 6.48 3.62
C ASP A 14 0.24 5.69 4.47
N SER A 15 -0.31 6.35 5.46
CA SER A 15 -1.30 5.78 6.35
C SER A 15 -2.61 5.43 5.64
N ASP A 16 -2.77 5.90 4.40
CA ASP A 16 -3.97 5.63 3.61
C ASP A 16 -3.91 4.19 3.09
N CYS A 17 -2.72 3.61 3.14
CA CYS A 17 -2.55 2.22 2.85
C CYS A 17 -2.81 1.40 4.10
N PRO A 18 -3.61 0.33 3.98
CA PRO A 18 -4.05 -0.47 5.12
C PRO A 18 -2.94 -1.20 5.85
N GLY A 19 -2.88 -0.95 7.15
CA GLY A 19 -1.99 -1.64 8.07
C GLY A 19 -0.55 -1.68 7.66
N ALA A 20 -0.13 -2.84 7.19
CA ALA A 20 1.25 -3.11 6.85
C ALA A 20 1.66 -2.45 5.55
N CYS A 21 0.69 -2.06 4.74
CA CYS A 21 0.97 -1.43 3.49
C CYS A 21 1.43 -0.01 3.62
N ILE A 22 2.43 0.30 2.84
CA ILE A 22 2.99 1.63 2.75
C ILE A 22 2.68 2.21 1.38
N CYS A 23 2.63 3.50 1.31
CA CYS A 23 2.34 4.20 0.07
C CYS A 23 3.64 4.47 -0.69
N ARG A 24 3.61 4.29 -1.99
CA ARG A 24 4.76 4.57 -2.81
C ARG A 24 4.53 5.79 -3.66
N GLY A 25 5.61 6.29 -4.24
CA GLY A 25 5.57 7.45 -5.10
C GLY A 25 4.83 7.18 -6.40
N ASN A 26 4.69 5.91 -6.75
CA ASN A 26 3.91 5.51 -7.93
C ASN A 26 2.42 5.73 -7.68
N GLY A 27 2.08 5.88 -6.41
CA GLY A 27 0.73 6.15 -6.04
C GLY A 27 0.00 4.92 -5.59
N TYR A 28 0.72 3.86 -5.29
CA TYR A 28 0.09 2.63 -4.88
C TYR A 28 0.74 2.06 -3.66
N CYS A 29 -0.01 1.24 -2.96
CA CYS A 29 0.47 0.54 -1.80
C CYS A 29 1.50 -0.50 -2.25
N GLY A 30 2.71 -0.35 -1.74
CA GLY A 30 3.80 -1.18 -2.19
C GLY A 30 3.84 -2.54 -1.55
N SER A 31 3.80 -2.55 -0.23
CA SER A 31 3.93 -3.74 0.61
C SER A 31 3.10 -4.91 0.12
N GLY A 32 1.89 -4.63 -0.31
CA GLY A 32 0.95 -5.66 -0.74
C GLY A 32 1.48 -6.52 -1.88
N SER A 33 2.34 -5.97 -2.68
CA SER A 33 2.89 -6.66 -3.81
C SER A 33 4.42 -6.74 -3.64
N ASP A 34 4.86 -6.58 -2.42
CA ASP A 34 6.28 -6.61 -2.11
C ASP A 34 6.59 -7.66 -1.07
N GLY A 1 1.62 -7.88 -1.34
CA GLY A 1 0.92 -8.90 -0.59
C GLY A 1 1.58 -9.18 0.73
N GLY A 2 1.03 -10.09 1.50
CA GLY A 2 1.59 -10.43 2.77
C GLY A 2 0.63 -10.15 3.89
N VAL A 3 0.92 -9.13 4.66
CA VAL A 3 0.09 -8.78 5.82
C VAL A 3 -0.91 -7.70 5.40
N CYS A 4 -0.95 -7.47 4.15
CA CYS A 4 -1.84 -6.53 3.54
C CYS A 4 -3.11 -7.21 3.08
N PRO A 5 -4.28 -6.74 3.55
CA PRO A 5 -5.55 -7.30 3.13
C PRO A 5 -5.85 -6.91 1.68
N LYS A 6 -5.58 -5.66 1.36
CA LYS A 6 -5.76 -5.17 0.02
C LYS A 6 -4.49 -5.41 -0.76
N ILE A 7 -4.60 -6.19 -1.82
CA ILE A 7 -3.47 -6.54 -2.65
C ILE A 7 -3.32 -5.65 -3.84
N LEU A 8 -4.15 -4.66 -3.88
CA LEU A 8 -4.14 -3.67 -4.90
C LEU A 8 -4.92 -2.49 -4.39
N GLN A 9 -4.23 -1.49 -3.98
CA GLN A 9 -4.86 -0.28 -3.54
C GLN A 9 -3.96 0.88 -3.90
N ARG A 10 -4.55 2.01 -4.19
CA ARG A 10 -3.80 3.21 -4.43
C ARG A 10 -3.59 3.93 -3.11
N CYS A 11 -2.84 4.97 -3.11
CA CYS A 11 -2.65 5.70 -1.89
C CYS A 11 -2.54 7.17 -2.14
N ARG A 12 -3.05 7.89 -1.21
CA ARG A 12 -2.89 9.33 -1.17
C ARG A 12 -1.79 9.67 -0.18
N ARG A 13 -1.70 8.85 0.84
CA ARG A 13 -0.62 8.90 1.83
C ARG A 13 -0.43 7.52 2.44
N ASP A 14 0.61 7.38 3.25
CA ASP A 14 0.98 6.07 3.84
C ASP A 14 -0.09 5.55 4.76
N SER A 15 -0.68 6.44 5.54
CA SER A 15 -1.73 6.10 6.45
C SER A 15 -3.03 5.72 5.70
N ASP A 16 -3.07 6.01 4.41
CA ASP A 16 -4.20 5.70 3.55
C ASP A 16 -4.08 4.25 3.08
N CYS A 17 -2.90 3.70 3.25
CA CYS A 17 -2.67 2.32 2.98
C CYS A 17 -2.94 1.52 4.25
N PRO A 18 -3.66 0.40 4.14
CA PRO A 18 -4.05 -0.42 5.29
C PRO A 18 -2.89 -1.14 6.00
N GLY A 19 -2.65 -0.73 7.24
CA GLY A 19 -1.70 -1.37 8.12
C GLY A 19 -0.29 -1.51 7.56
N ALA A 20 0.04 -2.73 7.16
CA ALA A 20 1.36 -3.10 6.67
C ALA A 20 1.64 -2.53 5.29
N CYS A 21 0.64 -1.99 4.67
CA CYS A 21 0.77 -1.41 3.37
C CYS A 21 1.37 0.00 3.48
N ILE A 22 2.40 0.26 2.72
CA ILE A 22 3.00 1.59 2.66
C ILE A 22 2.77 2.20 1.29
N CYS A 23 2.79 3.50 1.22
CA CYS A 23 2.53 4.21 -0.02
C CYS A 23 3.81 4.42 -0.81
N ARG A 24 3.76 4.15 -2.10
CA ARG A 24 4.92 4.36 -2.96
C ARG A 24 4.76 5.67 -3.72
N GLY A 25 5.84 6.09 -4.37
CA GLY A 25 5.82 7.31 -5.15
C GLY A 25 4.89 7.22 -6.34
N ASN A 26 4.62 6.00 -6.79
CA ASN A 26 3.71 5.75 -7.93
C ASN A 26 2.26 5.99 -7.52
N GLY A 27 2.03 6.15 -6.23
CA GLY A 27 0.70 6.43 -5.76
C GLY A 27 -0.07 5.17 -5.45
N TYR A 28 0.65 4.08 -5.24
CA TYR A 28 0.04 2.82 -4.90
C TYR A 28 0.69 2.22 -3.69
N CYS A 29 -0.06 1.41 -2.98
CA CYS A 29 0.45 0.75 -1.80
C CYS A 29 1.40 -0.38 -2.22
N GLY A 30 2.65 -0.26 -1.81
CA GLY A 30 3.69 -1.16 -2.27
C GLY A 30 3.55 -2.52 -1.71
N SER A 31 3.63 -2.63 -0.41
CA SER A 31 3.46 -3.87 0.28
C SER A 31 2.03 -4.40 0.10
N GLY A 32 1.13 -3.48 -0.23
CA GLY A 32 -0.23 -3.84 -0.51
C GLY A 32 -0.30 -4.64 -1.77
N SER A 33 0.22 -4.07 -2.84
CA SER A 33 0.23 -4.70 -4.14
C SER A 33 1.11 -5.96 -4.09
N ASP A 34 2.14 -5.92 -3.26
CA ASP A 34 3.07 -7.02 -3.08
C ASP A 34 2.42 -8.19 -2.34
N GLY A 1 5.25 -7.26 -1.42
CA GLY A 1 5.48 -8.26 -0.45
C GLY A 1 5.17 -7.75 0.92
N GLY A 2 3.99 -8.04 1.35
CA GLY A 2 3.54 -7.65 2.64
C GLY A 2 2.16 -8.18 2.83
N VAL A 3 1.75 -8.35 4.04
CA VAL A 3 0.44 -8.88 4.30
C VAL A 3 -0.59 -7.76 4.23
N CYS A 4 -0.95 -7.45 3.05
CA CYS A 4 -1.95 -6.46 2.80
C CYS A 4 -3.13 -7.10 2.13
N PRO A 5 -4.35 -6.89 2.66
CA PRO A 5 -5.57 -7.34 1.99
C PRO A 5 -5.73 -6.58 0.68
N LYS A 6 -5.32 -5.33 0.72
CA LYS A 6 -5.30 -4.48 -0.43
C LYS A 6 -4.01 -4.72 -1.18
N ILE A 7 -4.07 -5.54 -2.19
CA ILE A 7 -2.90 -5.87 -2.98
C ILE A 7 -2.77 -4.97 -4.18
N LEU A 8 -3.74 -4.15 -4.32
CA LEU A 8 -3.83 -3.19 -5.37
C LEU A 8 -4.78 -2.10 -4.94
N GLN A 9 -4.23 -1.08 -4.35
CA GLN A 9 -4.99 0.06 -3.93
C GLN A 9 -4.12 1.26 -4.13
N ARG A 10 -4.70 2.37 -4.46
CA ARG A 10 -3.96 3.58 -4.57
C ARG A 10 -3.83 4.22 -3.20
N CYS A 11 -3.00 5.21 -3.10
CA CYS A 11 -2.81 5.92 -1.86
C CYS A 11 -2.62 7.37 -2.10
N ARG A 12 -3.03 8.13 -1.14
CA ARG A 12 -2.71 9.55 -1.12
C ARG A 12 -1.52 9.74 -0.20
N ARG A 13 -1.43 8.87 0.80
CA ARG A 13 -0.29 8.77 1.71
C ARG A 13 -0.27 7.41 2.38
N ASP A 14 0.72 7.17 3.22
CA ASP A 14 0.92 5.85 3.87
C ASP A 14 -0.26 5.43 4.71
N SER A 15 -0.79 6.35 5.48
CA SER A 15 -1.92 6.07 6.35
C SER A 15 -3.20 5.75 5.55
N ASP A 16 -3.17 6.05 4.25
CA ASP A 16 -4.30 5.80 3.38
C ASP A 16 -4.30 4.35 2.92
N CYS A 17 -3.19 3.69 3.14
CA CYS A 17 -3.05 2.28 2.86
C CYS A 17 -3.29 1.51 4.15
N PRO A 18 -3.61 0.18 4.08
CA PRO A 18 -3.76 -0.65 5.28
C PRO A 18 -2.47 -0.70 6.14
N GLY A 19 -2.59 -1.28 7.32
CA GLY A 19 -1.51 -1.32 8.32
C GLY A 19 -0.14 -1.72 7.79
N ALA A 20 -0.09 -2.79 7.09
CA ALA A 20 1.16 -3.33 6.58
C ALA A 20 1.63 -2.62 5.31
N CYS A 21 0.73 -1.92 4.68
CA CYS A 21 1.04 -1.23 3.45
C CYS A 21 1.57 0.16 3.63
N ILE A 22 2.57 0.45 2.84
CA ILE A 22 3.18 1.75 2.76
C ILE A 22 2.84 2.34 1.39
N CYS A 23 2.83 3.63 1.27
CA CYS A 23 2.54 4.27 0.00
C CYS A 23 3.82 4.45 -0.80
N ARG A 24 3.82 4.09 -2.07
CA ARG A 24 4.98 4.31 -2.92
C ARG A 24 4.77 5.61 -3.70
N GLY A 25 5.82 6.07 -4.35
CA GLY A 25 5.76 7.29 -5.14
C GLY A 25 4.87 7.15 -6.35
N ASN A 26 4.62 5.92 -6.75
CA ASN A 26 3.71 5.62 -7.86
C ASN A 26 2.26 5.95 -7.49
N GLY A 27 1.99 6.08 -6.20
CA GLY A 27 0.67 6.41 -5.74
C GLY A 27 -0.15 5.19 -5.44
N TYR A 28 0.50 4.06 -5.33
CA TYR A 28 -0.14 2.82 -4.97
C TYR A 28 0.50 2.24 -3.73
N CYS A 29 -0.26 1.45 -3.02
CA CYS A 29 0.23 0.77 -1.84
C CYS A 29 1.34 -0.20 -2.22
N GLY A 30 2.50 0.01 -1.65
CA GLY A 30 3.68 -0.73 -2.00
C GLY A 30 3.66 -2.17 -1.60
N SER A 31 3.57 -2.41 -0.31
CA SER A 31 3.63 -3.73 0.28
C SER A 31 2.67 -4.71 -0.41
N GLY A 32 1.50 -4.22 -0.78
CA GLY A 32 0.48 -5.04 -1.41
C GLY A 32 0.86 -5.49 -2.82
N SER A 33 1.73 -4.76 -3.45
CA SER A 33 2.13 -5.05 -4.81
C SER A 33 3.63 -5.44 -4.80
N ASP A 34 4.13 -5.86 -3.64
CA ASP A 34 5.56 -6.13 -3.48
C ASP A 34 5.82 -7.30 -2.57
N GLY A 1 3.34 -7.87 -0.89
CA GLY A 1 2.99 -8.98 -0.04
C GLY A 1 2.65 -8.52 1.36
N GLY A 2 3.40 -9.01 2.33
CA GLY A 2 3.23 -8.61 3.71
C GLY A 2 1.83 -8.83 4.24
N VAL A 3 1.31 -7.83 4.92
CA VAL A 3 -0.02 -7.88 5.48
C VAL A 3 -0.79 -6.65 5.01
N CYS A 4 -1.52 -6.82 3.95
CA CYS A 4 -2.34 -5.78 3.36
C CYS A 4 -3.55 -6.39 2.67
N PRO A 5 -4.77 -6.00 3.08
CA PRO A 5 -6.00 -6.50 2.46
C PRO A 5 -6.08 -6.13 0.98
N LYS A 6 -5.94 -4.84 0.70
CA LYS A 6 -6.03 -4.34 -0.66
C LYS A 6 -4.69 -4.44 -1.37
N ILE A 7 -4.63 -5.29 -2.36
CA ILE A 7 -3.40 -5.52 -3.14
C ILE A 7 -3.30 -4.52 -4.29
N LEU A 8 -4.33 -3.80 -4.46
CA LEU A 8 -4.46 -2.90 -5.57
C LEU A 8 -4.86 -1.48 -5.16
N GLN A 9 -4.68 -1.14 -3.90
CA GLN A 9 -5.12 0.17 -3.45
C GLN A 9 -4.12 1.26 -3.82
N ARG A 10 -4.63 2.37 -4.29
CA ARG A 10 -3.85 3.54 -4.52
C ARG A 10 -3.81 4.35 -3.26
N CYS A 11 -2.83 5.15 -3.09
CA CYS A 11 -2.68 5.87 -1.85
C CYS A 11 -2.57 7.35 -2.03
N ARG A 12 -2.93 8.04 -1.00
CA ARG A 12 -2.69 9.46 -0.92
C ARG A 12 -1.51 9.69 0.04
N ARG A 13 -1.48 8.90 1.11
CA ARG A 13 -0.39 8.90 2.08
C ARG A 13 -0.27 7.53 2.69
N ASP A 14 0.80 7.31 3.42
CA ASP A 14 1.12 5.97 3.98
C ASP A 14 0.04 5.49 4.92
N SER A 15 -0.43 6.38 5.77
CA SER A 15 -1.47 6.08 6.74
C SER A 15 -2.82 5.79 6.06
N ASP A 16 -2.92 6.12 4.77
CA ASP A 16 -4.14 5.92 4.00
C ASP A 16 -4.19 4.47 3.48
N CYS A 17 -3.08 3.80 3.57
CA CYS A 17 -3.00 2.43 3.18
C CYS A 17 -3.36 1.53 4.35
N PRO A 18 -4.05 0.40 4.11
CA PRO A 18 -4.42 -0.54 5.15
C PRO A 18 -3.28 -1.53 5.45
N GLY A 19 -3.26 -2.05 6.65
CA GLY A 19 -2.26 -3.01 7.04
C GLY A 19 -0.90 -2.37 7.25
N ALA A 20 0.13 -3.05 6.82
CA ALA A 20 1.50 -2.56 6.98
C ALA A 20 1.92 -1.71 5.78
N CYS A 21 0.99 -1.54 4.86
CA CYS A 21 1.21 -0.82 3.63
C CYS A 21 1.66 0.62 3.79
N ILE A 22 2.61 0.96 2.97
CA ILE A 22 3.14 2.29 2.85
C ILE A 22 2.76 2.83 1.48
N CYS A 23 2.78 4.11 1.31
CA CYS A 23 2.43 4.73 0.06
C CYS A 23 3.69 4.89 -0.79
N ARG A 24 3.64 4.51 -2.03
CA ARG A 24 4.79 4.64 -2.88
C ARG A 24 4.55 5.70 -3.94
N GLY A 25 5.64 6.21 -4.50
CA GLY A 25 5.58 7.29 -5.46
C GLY A 25 4.85 6.93 -6.75
N ASN A 26 4.72 5.65 -7.02
CA ASN A 26 4.01 5.22 -8.22
C ASN A 26 2.50 5.41 -8.05
N GLY A 27 2.06 5.57 -6.80
CA GLY A 27 0.67 5.83 -6.54
C GLY A 27 -0.02 4.72 -5.80
N TYR A 28 0.63 3.59 -5.66
CA TYR A 28 0.04 2.46 -5.00
C TYR A 28 0.68 2.18 -3.66
N CYS A 29 -0.02 1.42 -2.87
CA CYS A 29 0.46 0.98 -1.59
C CYS A 29 1.52 -0.12 -1.79
N GLY A 30 2.74 0.16 -1.31
CA GLY A 30 3.91 -0.69 -1.52
C GLY A 30 3.72 -2.13 -1.14
N SER A 31 3.45 -2.38 0.14
CA SER A 31 3.25 -3.74 0.64
C SER A 31 2.08 -4.42 -0.07
N GLY A 32 1.17 -3.62 -0.58
CA GLY A 32 0.01 -4.16 -1.25
C GLY A 32 0.40 -4.96 -2.45
N SER A 33 1.21 -4.37 -3.29
CA SER A 33 1.64 -4.99 -4.52
C SER A 33 2.93 -5.79 -4.29
N ASP A 34 3.28 -6.03 -3.04
CA ASP A 34 4.52 -6.74 -2.69
C ASP A 34 4.22 -8.00 -1.86
N GLY A 1 4.05 -8.02 -1.04
CA GLY A 1 3.86 -9.24 -0.31
C GLY A 1 3.91 -8.96 1.17
N GLY A 2 2.76 -8.74 1.76
CA GLY A 2 2.70 -8.40 3.17
C GLY A 2 1.29 -8.47 3.68
N VAL A 3 1.07 -8.09 4.92
CA VAL A 3 -0.24 -8.13 5.49
C VAL A 3 -1.01 -6.82 5.29
N CYS A 4 -1.87 -6.84 4.34
CA CYS A 4 -2.74 -5.72 4.02
C CYS A 4 -4.05 -6.28 3.52
N PRO A 5 -5.20 -5.72 3.92
CA PRO A 5 -6.51 -6.16 3.39
C PRO A 5 -6.54 -5.96 1.88
N LYS A 6 -6.28 -4.75 1.48
CA LYS A 6 -6.17 -4.42 0.08
C LYS A 6 -4.73 -4.61 -0.34
N ILE A 7 -4.51 -5.53 -1.25
CA ILE A 7 -3.16 -5.83 -1.71
C ILE A 7 -2.82 -5.00 -2.93
N LEU A 8 -3.68 -4.10 -3.23
CA LEU A 8 -3.49 -3.14 -4.25
C LEU A 8 -4.50 -2.06 -4.07
N GLN A 9 -4.06 -0.98 -3.57
CA GLN A 9 -4.90 0.16 -3.36
C GLN A 9 -4.09 1.35 -3.78
N ARG A 10 -4.74 2.40 -4.22
CA ARG A 10 -4.05 3.64 -4.48
C ARG A 10 -3.78 4.30 -3.14
N CYS A 11 -2.95 5.28 -3.10
CA CYS A 11 -2.72 5.97 -1.86
C CYS A 11 -2.60 7.44 -2.04
N ARG A 12 -3.09 8.14 -1.07
CA ARG A 12 -2.88 9.57 -0.97
C ARG A 12 -1.68 9.79 -0.06
N ARG A 13 -1.55 8.93 0.95
CA ARG A 13 -0.42 8.92 1.86
C ARG A 13 -0.34 7.60 2.60
N ASP A 14 0.69 7.47 3.41
CA ASP A 14 1.00 6.24 4.18
C ASP A 14 -0.20 5.69 4.97
N SER A 15 -0.86 6.55 5.73
CA SER A 15 -1.98 6.16 6.57
C SER A 15 -3.22 5.78 5.76
N ASP A 16 -3.19 6.10 4.48
CA ASP A 16 -4.28 5.81 3.59
C ASP A 16 -4.16 4.36 3.11
N CYS A 17 -2.99 3.80 3.32
CA CYS A 17 -2.75 2.43 3.05
C CYS A 17 -2.98 1.62 4.31
N PRO A 18 -3.80 0.56 4.22
CA PRO A 18 -4.12 -0.27 5.37
C PRO A 18 -3.04 -1.32 5.66
N GLY A 19 -3.07 -1.86 6.86
CA GLY A 19 -2.12 -2.88 7.25
C GLY A 19 -0.72 -2.35 7.33
N ALA A 20 0.22 -3.13 6.85
CA ALA A 20 1.63 -2.74 6.85
C ALA A 20 1.98 -2.01 5.56
N CYS A 21 0.99 -1.66 4.80
CA CYS A 21 1.19 -1.02 3.52
C CYS A 21 1.69 0.40 3.62
N ILE A 22 2.65 0.67 2.78
CA ILE A 22 3.25 1.97 2.65
C ILE A 22 2.89 2.55 1.28
N CYS A 23 2.87 3.84 1.19
CA CYS A 23 2.53 4.51 -0.04
C CYS A 23 3.81 4.71 -0.84
N ARG A 24 3.83 4.23 -2.06
CA ARG A 24 5.00 4.35 -2.89
C ARG A 24 4.81 5.50 -3.87
N GLY A 25 5.89 5.88 -4.55
CA GLY A 25 5.86 7.01 -5.48
C GLY A 25 4.92 6.80 -6.65
N ASN A 26 4.62 5.55 -6.95
CA ASN A 26 3.71 5.17 -8.02
C ASN A 26 2.27 5.57 -7.68
N GLY A 27 2.02 5.83 -6.41
CA GLY A 27 0.73 6.23 -5.96
C GLY A 27 -0.09 5.05 -5.50
N TYR A 28 0.56 3.96 -5.18
CA TYR A 28 -0.11 2.77 -4.73
C TYR A 28 0.52 2.23 -3.47
N CYS A 29 -0.22 1.40 -2.78
CA CYS A 29 0.24 0.74 -1.58
C CYS A 29 1.23 -0.38 -1.96
N GLY A 30 2.49 -0.11 -1.69
CA GLY A 30 3.58 -0.97 -2.13
C GLY A 30 3.57 -2.35 -1.53
N SER A 31 3.54 -2.43 -0.21
CA SER A 31 3.59 -3.68 0.55
C SER A 31 2.51 -4.67 0.09
N GLY A 32 1.42 -4.15 -0.43
CA GLY A 32 0.33 -4.95 -0.88
C GLY A 32 0.69 -5.79 -2.08
N SER A 33 1.30 -5.17 -3.06
CA SER A 33 1.68 -5.87 -4.27
C SER A 33 3.03 -6.54 -4.05
N ASP A 34 3.74 -6.07 -3.05
CA ASP A 34 5.03 -6.59 -2.69
C ASP A 34 4.91 -7.95 -2.04
N GLY A 1 6.47 -6.86 -2.03
CA GLY A 1 6.74 -8.11 -1.37
C GLY A 1 5.59 -9.05 -1.55
N GLY A 2 4.44 -8.62 -1.10
CA GLY A 2 3.25 -9.42 -1.20
C GLY A 2 2.34 -9.25 -0.02
N VAL A 3 2.81 -8.59 1.02
CA VAL A 3 2.02 -8.43 2.22
C VAL A 3 1.08 -7.23 2.12
N CYS A 4 -0.13 -7.54 1.80
CA CYS A 4 -1.27 -6.64 1.74
C CYS A 4 -2.52 -7.48 1.65
N PRO A 5 -3.34 -7.50 2.71
CA PRO A 5 -4.57 -8.30 2.73
C PRO A 5 -5.57 -7.85 1.66
N LYS A 6 -5.53 -6.57 1.37
CA LYS A 6 -6.39 -5.97 0.38
C LYS A 6 -5.74 -6.05 -1.00
N ILE A 7 -6.38 -5.51 -1.99
CA ILE A 7 -5.78 -5.44 -3.31
C ILE A 7 -4.82 -4.26 -3.38
N LEU A 8 -4.26 -3.99 -4.55
CA LEU A 8 -3.29 -2.94 -4.70
C LEU A 8 -4.02 -1.64 -4.83
N GLN A 9 -4.39 -1.10 -3.72
CA GLN A 9 -5.10 0.11 -3.73
C GLN A 9 -4.17 1.29 -3.88
N ARG A 10 -4.70 2.34 -4.43
CA ARG A 10 -3.97 3.55 -4.60
C ARG A 10 -3.88 4.27 -3.27
N CYS A 11 -2.89 5.08 -3.10
CA CYS A 11 -2.73 5.81 -1.88
C CYS A 11 -2.57 7.27 -2.14
N ARG A 12 -3.03 8.02 -1.21
CA ARG A 12 -2.84 9.47 -1.20
C ARG A 12 -1.70 9.80 -0.25
N ARG A 13 -1.57 9.00 0.79
CA ARG A 13 -0.50 9.13 1.77
C ARG A 13 -0.36 7.84 2.56
N ASP A 14 0.57 7.83 3.50
CA ASP A 14 0.93 6.63 4.31
C ASP A 14 -0.30 6.03 4.99
N SER A 15 -1.06 6.87 5.64
CA SER A 15 -2.23 6.51 6.40
C SER A 15 -3.36 5.98 5.53
N ASP A 16 -3.23 6.17 4.22
CA ASP A 16 -4.24 5.72 3.28
C ASP A 16 -4.00 4.26 2.93
N CYS A 17 -2.79 3.78 3.18
CA CYS A 17 -2.49 2.39 2.98
C CYS A 17 -2.71 1.63 4.29
N PRO A 18 -3.44 0.52 4.23
CA PRO A 18 -3.80 -0.26 5.42
C PRO A 18 -2.69 -1.14 6.00
N GLY A 19 -2.46 -1.00 7.31
CA GLY A 19 -1.58 -1.87 8.07
C GLY A 19 -0.16 -1.98 7.57
N ALA A 20 0.14 -3.09 6.92
CA ALA A 20 1.49 -3.39 6.45
C ALA A 20 1.75 -2.76 5.10
N CYS A 21 0.70 -2.26 4.49
CA CYS A 21 0.81 -1.62 3.21
C CYS A 21 1.38 -0.22 3.37
N ILE A 22 2.39 0.08 2.61
CA ILE A 22 3.02 1.39 2.59
C ILE A 22 2.73 2.08 1.28
N CYS A 23 2.72 3.39 1.30
CA CYS A 23 2.43 4.17 0.12
C CYS A 23 3.73 4.42 -0.64
N ARG A 24 3.71 4.26 -1.94
CA ARG A 24 4.89 4.48 -2.75
C ARG A 24 4.71 5.68 -3.66
N GLY A 25 5.79 6.08 -4.32
CA GLY A 25 5.78 7.22 -5.22
C GLY A 25 4.89 7.02 -6.42
N ASN A 26 4.67 5.76 -6.77
CA ASN A 26 3.78 5.38 -7.87
C ASN A 26 2.31 5.67 -7.53
N GLY A 27 2.04 5.97 -6.26
CA GLY A 27 0.72 6.34 -5.84
C GLY A 27 -0.11 5.16 -5.44
N TYR A 28 0.54 4.05 -5.21
CA TYR A 28 -0.12 2.82 -4.81
C TYR A 28 0.54 2.24 -3.59
N CYS A 29 -0.18 1.39 -2.91
CA CYS A 29 0.35 0.68 -1.79
C CYS A 29 1.36 -0.35 -2.28
N GLY A 30 2.58 -0.14 -1.90
CA GLY A 30 3.70 -0.87 -2.45
C GLY A 30 3.86 -2.26 -1.94
N SER A 31 3.70 -2.46 -0.63
CA SER A 31 3.96 -3.73 0.06
C SER A 31 3.37 -4.94 -0.68
N GLY A 32 2.18 -4.77 -1.22
CA GLY A 32 1.50 -5.84 -1.91
C GLY A 32 2.18 -6.29 -3.19
N SER A 33 2.76 -5.38 -3.91
CA SER A 33 3.40 -5.71 -5.17
C SER A 33 4.91 -5.84 -4.95
N ASP A 34 5.41 -5.13 -3.97
CA ASP A 34 6.84 -5.12 -3.63
C ASP A 34 7.23 -6.44 -3.01
N GLY A 1 4.99 -7.85 -0.42
CA GLY A 1 4.66 -9.09 0.22
C GLY A 1 4.65 -8.92 1.72
N GLY A 2 4.28 -7.72 2.14
CA GLY A 2 4.26 -7.42 3.54
C GLY A 2 2.96 -7.81 4.18
N VAL A 3 2.63 -7.15 5.26
CA VAL A 3 1.44 -7.48 6.00
C VAL A 3 0.29 -6.61 5.52
N CYS A 4 -0.30 -7.00 4.45
CA CYS A 4 -1.44 -6.35 3.88
C CYS A 4 -2.41 -7.39 3.37
N PRO A 5 -3.57 -7.55 4.02
CA PRO A 5 -4.57 -8.52 3.59
C PRO A 5 -5.46 -7.98 2.47
N LYS A 6 -5.43 -6.69 2.30
CA LYS A 6 -6.28 -6.03 1.33
C LYS A 6 -5.60 -5.97 -0.05
N ILE A 7 -6.29 -5.37 -0.98
CA ILE A 7 -5.80 -5.17 -2.32
C ILE A 7 -4.81 -3.99 -2.31
N LEU A 8 -4.05 -3.84 -3.37
CA LEU A 8 -3.12 -2.77 -3.51
C LEU A 8 -3.90 -1.59 -3.97
N GLN A 9 -4.35 -0.80 -3.06
CA GLN A 9 -5.09 0.33 -3.43
C GLN A 9 -4.15 1.47 -3.82
N ARG A 10 -4.71 2.48 -4.39
CA ARG A 10 -4.01 3.69 -4.67
C ARG A 10 -3.95 4.48 -3.39
N CYS A 11 -2.93 5.22 -3.20
CA CYS A 11 -2.75 5.87 -1.94
C CYS A 11 -2.58 7.34 -2.05
N ARG A 12 -3.03 7.98 -1.04
CA ARG A 12 -2.86 9.39 -0.89
C ARG A 12 -1.65 9.59 0.02
N ARG A 13 -1.51 8.71 0.99
CA ARG A 13 -0.44 8.75 1.96
C ARG A 13 -0.27 7.39 2.56
N ASP A 14 0.77 7.23 3.35
CA ASP A 14 1.10 5.92 3.94
C ASP A 14 0.00 5.43 4.84
N SER A 15 -0.47 6.31 5.68
CA SER A 15 -1.55 6.04 6.60
C SER A 15 -2.87 5.80 5.87
N ASP A 16 -2.93 6.14 4.59
CA ASP A 16 -4.13 5.93 3.78
C ASP A 16 -4.19 4.48 3.32
N CYS A 17 -3.05 3.82 3.35
CA CYS A 17 -2.97 2.41 3.02
C CYS A 17 -3.29 1.56 4.27
N PRO A 18 -4.00 0.44 4.08
CA PRO A 18 -4.33 -0.47 5.18
C PRO A 18 -3.15 -1.38 5.55
N GLY A 19 -3.19 -1.91 6.75
CA GLY A 19 -2.15 -2.81 7.21
C GLY A 19 -0.80 -2.13 7.34
N ALA A 20 0.23 -2.84 6.95
CA ALA A 20 1.59 -2.33 6.97
C ALA A 20 1.95 -1.66 5.64
N CYS A 21 0.95 -1.48 4.81
CA CYS A 21 1.13 -0.88 3.52
C CYS A 21 1.60 0.55 3.58
N ILE A 22 2.58 0.82 2.77
CA ILE A 22 3.15 2.12 2.64
C ILE A 22 2.81 2.67 1.27
N CYS A 23 2.76 3.95 1.17
CA CYS A 23 2.42 4.61 -0.06
C CYS A 23 3.69 4.85 -0.84
N ARG A 24 3.78 4.27 -2.00
CA ARG A 24 4.95 4.43 -2.84
C ARG A 24 4.74 5.56 -3.83
N GLY A 25 5.82 5.96 -4.47
CA GLY A 25 5.80 7.10 -5.38
C GLY A 25 4.91 6.91 -6.60
N ASN A 26 4.60 5.68 -6.92
CA ASN A 26 3.73 5.37 -8.04
C ASN A 26 2.27 5.66 -7.70
N GLY A 27 2.00 5.83 -6.41
CA GLY A 27 0.68 6.13 -5.96
C GLY A 27 -0.08 4.91 -5.53
N TYR A 28 0.65 3.85 -5.22
CA TYR A 28 0.05 2.60 -4.79
C TYR A 28 0.69 2.11 -3.51
N CYS A 29 -0.03 1.27 -2.81
CA CYS A 29 0.44 0.66 -1.60
C CYS A 29 1.52 -0.40 -1.90
N GLY A 30 2.76 -0.05 -1.59
CA GLY A 30 3.92 -0.87 -1.94
C GLY A 30 4.02 -2.19 -1.24
N SER A 31 3.66 -2.23 0.03
CA SER A 31 3.79 -3.46 0.83
C SER A 31 2.95 -4.60 0.24
N GLY A 32 1.90 -4.25 -0.48
CA GLY A 32 1.06 -5.24 -1.12
C GLY A 32 1.79 -5.91 -2.28
N SER A 33 2.66 -5.16 -2.91
CA SER A 33 3.46 -5.65 -4.02
C SER A 33 4.70 -6.35 -3.46
N ASP A 34 5.18 -5.83 -2.35
CA ASP A 34 6.35 -6.33 -1.65
C ASP A 34 6.09 -7.72 -1.08
N GLY A 1 5.32 -7.59 -0.75
CA GLY A 1 5.73 -8.59 0.22
C GLY A 1 4.74 -8.73 1.36
N GLY A 2 3.79 -7.84 1.40
CA GLY A 2 2.73 -7.85 2.38
C GLY A 2 1.42 -7.99 1.68
N VAL A 3 0.32 -7.76 2.37
CA VAL A 3 -1.00 -7.92 1.76
C VAL A 3 -1.93 -6.77 2.15
N CYS A 4 -2.58 -6.18 1.16
CA CYS A 4 -3.61 -5.19 1.38
C CYS A 4 -4.95 -5.90 1.14
N PRO A 5 -6.09 -5.42 1.70
CA PRO A 5 -7.40 -6.01 1.42
C PRO A 5 -7.74 -5.91 -0.07
N LYS A 6 -7.53 -4.72 -0.63
CA LYS A 6 -7.72 -4.52 -2.05
C LYS A 6 -6.42 -4.82 -2.76
N ILE A 7 -6.49 -5.49 -3.88
CA ILE A 7 -5.30 -5.88 -4.62
C ILE A 7 -4.65 -4.71 -5.34
N LEU A 8 -3.69 -4.09 -4.64
CA LEU A 8 -2.88 -2.99 -5.14
C LEU A 8 -3.74 -1.76 -5.22
N GLN A 9 -3.99 -1.18 -4.09
CA GLN A 9 -4.81 -0.03 -4.00
C GLN A 9 -3.98 1.24 -4.07
N ARG A 10 -4.53 2.29 -4.66
CA ARG A 10 -3.84 3.55 -4.78
C ARG A 10 -3.71 4.24 -3.44
N CYS A 11 -2.76 5.11 -3.30
CA CYS A 11 -2.58 5.80 -2.06
C CYS A 11 -2.50 7.27 -2.26
N ARG A 12 -2.84 7.96 -1.21
CA ARG A 12 -2.73 9.41 -1.13
C ARG A 12 -1.75 9.75 0.00
N ARG A 13 -1.70 8.88 0.99
CA ARG A 13 -0.77 8.97 2.10
C ARG A 13 -0.55 7.59 2.63
N ASP A 14 0.48 7.44 3.42
CA ASP A 14 0.84 6.12 3.97
C ASP A 14 -0.23 5.62 4.90
N SER A 15 -0.79 6.53 5.66
CA SER A 15 -1.86 6.25 6.58
C SER A 15 -3.17 5.89 5.85
N ASP A 16 -3.21 6.14 4.54
CA ASP A 16 -4.36 5.77 3.74
C ASP A 16 -4.25 4.29 3.43
N CYS A 17 -3.03 3.80 3.42
CA CYS A 17 -2.79 2.42 3.15
C CYS A 17 -2.97 1.62 4.44
N PRO A 18 -3.70 0.52 4.39
CA PRO A 18 -3.99 -0.30 5.57
C PRO A 18 -2.82 -1.17 6.04
N GLY A 19 -2.56 -1.12 7.34
CA GLY A 19 -1.58 -1.98 7.99
C GLY A 19 -0.18 -1.91 7.44
N ALA A 20 0.27 -3.03 6.89
CA ALA A 20 1.63 -3.17 6.39
C ALA A 20 1.81 -2.52 5.03
N CYS A 21 0.72 -2.13 4.42
CA CYS A 21 0.78 -1.45 3.17
C CYS A 21 1.23 -0.02 3.40
N ILE A 22 2.18 0.44 2.60
CA ILE A 22 2.69 1.79 2.69
C ILE A 22 2.58 2.44 1.32
N CYS A 23 2.62 3.76 1.29
CA CYS A 23 2.39 4.51 0.06
C CYS A 23 3.70 4.70 -0.68
N ARG A 24 3.70 4.47 -1.98
CA ARG A 24 4.92 4.61 -2.75
C ARG A 24 4.78 5.70 -3.80
N GLY A 25 5.89 6.03 -4.45
CA GLY A 25 5.93 7.12 -5.43
C GLY A 25 5.09 6.88 -6.66
N ASN A 26 4.80 5.63 -6.93
CA ASN A 26 3.96 5.24 -8.06
C ASN A 26 2.50 5.62 -7.79
N GLY A 27 2.20 5.86 -6.53
CA GLY A 27 0.88 6.26 -6.15
C GLY A 27 0.06 5.13 -5.63
N TYR A 28 0.69 4.02 -5.31
CA TYR A 28 -0.01 2.87 -4.82
C TYR A 28 0.56 2.38 -3.52
N CYS A 29 -0.24 1.63 -2.81
CA CYS A 29 0.20 0.97 -1.62
C CYS A 29 1.05 -0.22 -2.04
N GLY A 30 2.35 -0.03 -1.92
CA GLY A 30 3.31 -0.92 -2.53
C GLY A 30 3.43 -2.27 -1.90
N SER A 31 3.83 -2.27 -0.64
CA SER A 31 4.10 -3.48 0.11
C SER A 31 2.97 -4.52 0.00
N GLY A 32 1.74 -4.05 -0.08
CA GLY A 32 0.59 -4.94 -0.16
C GLY A 32 0.55 -5.81 -1.42
N SER A 33 1.27 -5.41 -2.43
CA SER A 33 1.32 -6.18 -3.64
C SER A 33 2.78 -6.57 -3.90
N ASP A 34 3.60 -6.46 -2.87
CA ASP A 34 5.02 -6.70 -2.99
C ASP A 34 5.50 -7.80 -2.04
N GLY A 1 6.17 -6.46 0.27
CA GLY A 1 6.82 -6.55 1.54
C GLY A 1 6.00 -7.33 2.52
N GLY A 2 5.17 -6.63 3.25
CA GLY A 2 4.33 -7.26 4.23
C GLY A 2 3.00 -7.57 3.63
N VAL A 3 2.65 -8.84 3.61
CA VAL A 3 1.41 -9.30 3.00
C VAL A 3 0.16 -8.60 3.59
N CYS A 4 -0.50 -7.85 2.74
CA CYS A 4 -1.73 -7.18 3.10
C CYS A 4 -2.91 -8.04 2.68
N PRO A 5 -4.00 -8.05 3.47
CA PRO A 5 -5.25 -8.69 3.07
C PRO A 5 -5.90 -7.93 1.90
N LYS A 6 -5.50 -6.68 1.72
CA LYS A 6 -5.94 -5.88 0.59
C LYS A 6 -4.98 -6.09 -0.58
N ILE A 7 -5.36 -5.62 -1.74
CA ILE A 7 -4.50 -5.66 -2.89
C ILE A 7 -3.69 -4.36 -2.96
N LEU A 8 -3.08 -4.07 -4.09
CA LEU A 8 -2.30 -2.86 -4.21
C LEU A 8 -3.19 -1.74 -4.58
N GLN A 9 -3.90 -1.26 -3.59
CA GLN A 9 -4.79 -0.17 -3.78
C GLN A 9 -3.99 1.11 -4.00
N ARG A 10 -4.60 2.08 -4.63
CA ARG A 10 -3.96 3.34 -4.82
C ARG A 10 -3.88 4.06 -3.49
N CYS A 11 -2.93 4.92 -3.32
CA CYS A 11 -2.82 5.64 -2.09
C CYS A 11 -2.76 7.09 -2.30
N ARG A 12 -3.34 7.78 -1.39
CA ARG A 12 -3.29 9.22 -1.36
C ARG A 12 -2.08 9.62 -0.52
N ARG A 13 -1.93 8.93 0.59
CA ARG A 13 -0.84 9.14 1.52
C ARG A 13 -0.51 7.85 2.20
N ASP A 14 0.53 7.84 2.98
CA ASP A 14 1.01 6.58 3.58
C ASP A 14 0.05 6.07 4.63
N SER A 15 -0.52 6.97 5.37
CA SER A 15 -1.52 6.64 6.38
C SER A 15 -2.80 6.12 5.72
N ASP A 16 -2.90 6.32 4.40
CA ASP A 16 -4.03 5.90 3.63
C ASP A 16 -3.88 4.42 3.21
N CYS A 17 -2.68 3.88 3.38
CA CYS A 17 -2.44 2.48 3.13
C CYS A 17 -2.65 1.68 4.40
N PRO A 18 -3.58 0.72 4.39
CA PRO A 18 -3.93 -0.07 5.58
C PRO A 18 -2.88 -1.11 6.00
N GLY A 19 -2.61 -1.13 7.30
CA GLY A 19 -1.77 -2.13 7.92
C GLY A 19 -0.33 -2.15 7.46
N ALA A 20 0.03 -3.23 6.79
CA ALA A 20 1.41 -3.45 6.36
C ALA A 20 1.70 -2.77 5.05
N CYS A 21 0.66 -2.31 4.41
CA CYS A 21 0.78 -1.61 3.17
C CYS A 21 1.42 -0.25 3.36
N ILE A 22 2.34 0.08 2.49
CA ILE A 22 3.02 1.36 2.53
C ILE A 22 2.76 2.06 1.22
N CYS A 23 2.65 3.35 1.28
CA CYS A 23 2.37 4.13 0.10
C CYS A 23 3.68 4.44 -0.58
N ARG A 24 3.72 4.24 -1.87
CA ARG A 24 4.94 4.48 -2.61
C ARG A 24 4.78 5.72 -3.45
N GLY A 25 5.85 6.15 -4.09
CA GLY A 25 5.81 7.36 -4.92
C GLY A 25 4.89 7.20 -6.11
N ASN A 26 4.72 5.96 -6.52
CA ASN A 26 3.83 5.59 -7.61
C ASN A 26 2.36 5.83 -7.27
N GLY A 27 2.07 6.04 -6.00
CA GLY A 27 0.72 6.29 -5.59
C GLY A 27 -0.06 5.03 -5.40
N TYR A 28 0.62 3.98 -5.03
CA TYR A 28 0.01 2.71 -4.72
C TYR A 28 0.55 2.16 -3.43
N CYS A 29 -0.25 1.37 -2.79
CA CYS A 29 0.14 0.65 -1.62
C CYS A 29 0.91 -0.58 -2.07
N GLY A 30 2.22 -0.47 -2.01
CA GLY A 30 3.08 -1.45 -2.64
C GLY A 30 3.31 -2.72 -1.86
N SER A 31 3.67 -2.55 -0.59
CA SER A 31 4.02 -3.65 0.33
C SER A 31 3.04 -4.84 0.31
N GLY A 32 1.79 -4.61 -0.09
CA GLY A 32 0.77 -5.65 -0.16
C GLY A 32 1.21 -6.90 -0.95
N SER A 33 2.08 -6.70 -1.93
CA SER A 33 2.63 -7.79 -2.71
C SER A 33 4.11 -7.52 -2.92
N ASP A 34 4.70 -6.78 -2.01
CA ASP A 34 6.10 -6.37 -2.16
C ASP A 34 6.87 -6.50 -0.84
N GLY A 1 4.67 -7.40 -1.13
CA GLY A 1 4.65 -8.65 -0.38
C GLY A 1 4.67 -8.45 1.13
N GLY A 2 3.77 -7.63 1.60
CA GLY A 2 3.65 -7.37 3.02
C GLY A 2 2.23 -7.58 3.47
N VAL A 3 2.01 -7.60 4.76
CA VAL A 3 0.68 -7.86 5.31
C VAL A 3 -0.29 -6.68 5.09
N CYS A 4 -1.21 -6.88 4.19
CA CYS A 4 -2.23 -5.91 3.87
C CYS A 4 -3.50 -6.61 3.42
N PRO A 5 -4.67 -6.14 3.88
CA PRO A 5 -5.96 -6.66 3.40
C PRO A 5 -6.12 -6.28 1.93
N LYS A 6 -5.90 -5.01 1.64
CA LYS A 6 -5.93 -4.50 0.29
C LYS A 6 -4.54 -4.63 -0.28
N ILE A 7 -4.38 -5.44 -1.30
CA ILE A 7 -3.04 -5.66 -1.88
C ILE A 7 -2.82 -4.85 -3.13
N LEU A 8 -3.76 -4.02 -3.40
CA LEU A 8 -3.69 -3.10 -4.50
C LEU A 8 -4.61 -1.95 -4.20
N GLN A 9 -4.05 -0.88 -3.75
CA GLN A 9 -4.80 0.30 -3.46
C GLN A 9 -3.97 1.47 -3.86
N ARG A 10 -4.57 2.47 -4.47
CA ARG A 10 -3.87 3.68 -4.74
C ARG A 10 -3.88 4.53 -3.50
N CYS A 11 -2.86 5.29 -3.30
CA CYS A 11 -2.71 5.94 -2.02
C CYS A 11 -2.54 7.42 -2.07
N ARG A 12 -2.90 8.02 -0.97
CA ARG A 12 -2.61 9.40 -0.68
C ARG A 12 -1.28 9.42 0.09
N ARG A 13 -1.27 8.72 1.23
CA ARG A 13 -0.08 8.56 2.03
C ARG A 13 -0.13 7.24 2.77
N ASP A 14 0.91 6.99 3.54
CA ASP A 14 1.07 5.79 4.39
C ASP A 14 -0.20 5.39 5.16
N SER A 15 -0.71 6.29 5.98
CA SER A 15 -1.90 6.07 6.79
C SER A 15 -3.18 5.89 5.96
N ASP A 16 -3.11 6.20 4.67
CA ASP A 16 -4.24 6.02 3.76
C ASP A 16 -4.28 4.56 3.28
N CYS A 17 -3.21 3.86 3.53
CA CYS A 17 -3.10 2.48 3.19
C CYS A 17 -3.36 1.61 4.44
N PRO A 18 -3.96 0.43 4.28
CA PRO A 18 -4.24 -0.47 5.40
C PRO A 18 -3.06 -1.42 5.70
N GLY A 19 -3.05 -1.96 6.91
CA GLY A 19 -2.04 -2.91 7.31
C GLY A 19 -0.63 -2.34 7.31
N ALA A 20 0.30 -3.08 6.77
CA ALA A 20 1.69 -2.67 6.71
C ALA A 20 1.97 -1.91 5.41
N CYS A 21 0.93 -1.54 4.73
CA CYS A 21 1.03 -0.81 3.51
C CYS A 21 1.44 0.62 3.72
N ILE A 22 2.33 1.07 2.87
CA ILE A 22 2.78 2.44 2.84
C ILE A 22 2.61 2.92 1.42
N CYS A 23 2.60 4.20 1.24
CA CYS A 23 2.35 4.78 -0.07
C CYS A 23 3.66 4.97 -0.81
N ARG A 24 3.67 4.66 -2.09
CA ARG A 24 4.87 4.83 -2.86
C ARG A 24 4.63 5.82 -4.00
N GLY A 25 5.71 6.27 -4.61
CA GLY A 25 5.64 7.28 -5.66
C GLY A 25 4.91 6.83 -6.90
N ASN A 26 4.78 5.53 -7.07
CA ASN A 26 4.04 4.96 -8.20
C ASN A 26 2.56 5.26 -8.06
N GLY A 27 2.14 5.55 -6.85
CA GLY A 27 0.77 5.89 -6.58
C GLY A 27 0.03 4.79 -5.87
N TYR A 28 0.73 3.73 -5.52
CA TYR A 28 0.08 2.62 -4.87
C TYR A 28 0.67 2.31 -3.54
N CYS A 29 -0.09 1.60 -2.74
CA CYS A 29 0.35 1.07 -1.49
C CYS A 29 1.37 -0.02 -1.80
N GLY A 30 2.63 0.30 -1.58
CA GLY A 30 3.72 -0.53 -2.01
C GLY A 30 3.81 -1.87 -1.35
N SER A 31 4.02 -1.87 -0.05
CA SER A 31 4.25 -3.09 0.72
C SER A 31 3.20 -4.17 0.45
N GLY A 32 1.94 -3.80 0.39
CA GLY A 32 0.88 -4.77 0.16
C GLY A 32 0.92 -5.39 -1.21
N SER A 33 1.33 -4.63 -2.18
CA SER A 33 1.39 -5.10 -3.54
C SER A 33 2.72 -5.84 -3.75
N ASP A 34 3.73 -5.42 -3.00
CA ASP A 34 5.06 -5.99 -3.08
C ASP A 34 5.10 -7.36 -2.38
N GLY A 1 5.89 -7.42 -0.77
CA GLY A 1 5.76 -8.73 -0.15
C GLY A 1 4.44 -9.37 -0.46
N GLY A 2 3.44 -8.57 -0.67
CA GLY A 2 2.11 -9.07 -0.94
C GLY A 2 1.29 -9.14 0.33
N VAL A 3 1.63 -8.28 1.29
CA VAL A 3 1.00 -8.28 2.59
C VAL A 3 -0.24 -7.39 2.62
N CYS A 4 -0.66 -7.00 1.48
CA CYS A 4 -1.86 -6.23 1.32
C CYS A 4 -2.92 -7.18 0.84
N PRO A 5 -4.15 -7.15 1.41
CA PRO A 5 -5.23 -8.03 0.97
C PRO A 5 -5.52 -7.76 -0.51
N LYS A 6 -5.76 -6.51 -0.84
CA LYS A 6 -5.85 -6.10 -2.20
C LYS A 6 -4.42 -5.69 -2.59
N ILE A 7 -3.84 -6.35 -3.57
CA ILE A 7 -2.42 -6.12 -3.86
C ILE A 7 -2.13 -4.99 -4.84
N LEU A 8 -3.12 -4.21 -5.10
CA LEU A 8 -3.00 -3.08 -5.98
C LEU A 8 -3.78 -1.88 -5.41
N GLN A 9 -3.74 -1.75 -4.08
CA GLN A 9 -4.37 -0.61 -3.41
C GLN A 9 -3.67 0.68 -3.80
N ARG A 10 -4.42 1.73 -3.91
CA ARG A 10 -3.89 3.03 -4.23
C ARG A 10 -3.81 3.82 -2.93
N CYS A 11 -3.07 4.89 -2.91
CA CYS A 11 -2.94 5.68 -1.72
C CYS A 11 -2.74 7.15 -2.03
N ARG A 12 -2.98 7.96 -1.03
CA ARG A 12 -2.67 9.38 -1.09
C ARG A 12 -1.43 9.60 -0.27
N ARG A 13 -1.49 9.14 0.96
CA ARG A 13 -0.38 9.16 1.87
C ARG A 13 -0.22 7.79 2.51
N ASP A 14 0.80 7.66 3.32
CA ASP A 14 1.17 6.38 3.99
C ASP A 14 -0.01 5.70 4.69
N SER A 15 -0.72 6.44 5.49
CA SER A 15 -1.82 5.95 6.29
C SER A 15 -3.03 5.55 5.45
N ASP A 16 -3.04 5.94 4.18
CA ASP A 16 -4.16 5.62 3.30
C ASP A 16 -4.02 4.17 2.84
N CYS A 17 -2.87 3.61 3.10
CA CYS A 17 -2.63 2.22 2.86
C CYS A 17 -2.95 1.43 4.13
N PRO A 18 -3.66 0.30 4.00
CA PRO A 18 -4.08 -0.50 5.15
C PRO A 18 -2.93 -1.21 5.89
N GLY A 19 -2.71 -0.77 7.12
CA GLY A 19 -1.76 -1.38 8.03
C GLY A 19 -0.34 -1.48 7.52
N ALA A 20 0.05 -2.69 7.17
CA ALA A 20 1.40 -3.01 6.73
C ALA A 20 1.74 -2.34 5.41
N CYS A 21 0.72 -2.07 4.64
CA CYS A 21 0.86 -1.44 3.35
C CYS A 21 1.43 -0.04 3.46
N ILE A 22 2.43 0.22 2.65
CA ILE A 22 3.11 1.49 2.60
C ILE A 22 2.79 2.18 1.28
N CYS A 23 2.72 3.48 1.30
CA CYS A 23 2.38 4.24 0.13
C CYS A 23 3.65 4.58 -0.65
N ARG A 24 3.68 4.22 -1.90
CA ARG A 24 4.85 4.45 -2.73
C ARG A 24 4.66 5.65 -3.64
N GLY A 25 5.74 6.08 -4.27
CA GLY A 25 5.74 7.27 -5.12
C GLY A 25 4.84 7.14 -6.34
N ASN A 26 4.53 5.93 -6.72
CA ASN A 26 3.67 5.66 -7.89
C ASN A 26 2.20 5.91 -7.54
N GLY A 27 1.93 6.08 -6.25
CA GLY A 27 0.59 6.34 -5.81
C GLY A 27 -0.12 5.10 -5.36
N TYR A 28 0.60 4.00 -5.30
CA TYR A 28 0.02 2.74 -4.88
C TYR A 28 0.68 2.22 -3.63
N CYS A 29 0.02 1.28 -3.00
CA CYS A 29 0.51 0.65 -1.83
C CYS A 29 1.55 -0.40 -2.20
N GLY A 30 2.77 -0.13 -1.81
CA GLY A 30 3.92 -0.87 -2.28
C GLY A 30 4.00 -2.24 -1.73
N SER A 31 3.51 -2.43 -0.53
CA SER A 31 3.55 -3.69 0.14
C SER A 31 2.80 -4.78 -0.63
N GLY A 32 1.89 -4.37 -1.51
CA GLY A 32 1.17 -5.32 -2.34
C GLY A 32 2.04 -5.86 -3.45
N SER A 33 3.09 -5.14 -3.75
CA SER A 33 4.04 -5.51 -4.76
C SER A 33 5.32 -6.06 -4.11
N ASP A 34 5.73 -5.43 -3.03
CA ASP A 34 6.92 -5.81 -2.27
C ASP A 34 6.83 -7.22 -1.68
N GLY A 1 6.88 -6.99 -0.06
CA GLY A 1 7.21 -8.04 0.89
C GLY A 1 6.07 -8.30 1.84
N GLY A 2 5.69 -7.28 2.59
CA GLY A 2 4.56 -7.38 3.49
C GLY A 2 3.29 -7.27 2.68
N VAL A 3 2.97 -8.35 2.02
CA VAL A 3 1.89 -8.41 1.09
C VAL A 3 0.54 -8.05 1.71
N CYS A 4 -0.09 -7.07 1.11
CA CYS A 4 -1.38 -6.58 1.51
C CYS A 4 -2.45 -7.64 1.26
N PRO A 5 -3.23 -8.03 2.30
CA PRO A 5 -4.37 -8.95 2.16
C PRO A 5 -5.50 -8.30 1.35
N LYS A 6 -5.37 -7.00 1.18
CA LYS A 6 -6.28 -6.21 0.38
C LYS A 6 -5.81 -6.31 -1.09
N ILE A 7 -6.37 -5.47 -1.91
CA ILE A 7 -5.98 -5.36 -3.29
C ILE A 7 -4.77 -4.42 -3.40
N LEU A 8 -4.39 -4.08 -4.61
CA LEU A 8 -3.32 -3.13 -4.81
C LEU A 8 -3.92 -1.76 -4.72
N GLN A 9 -4.12 -1.34 -3.52
CA GLN A 9 -4.78 -0.10 -3.27
C GLN A 9 -3.87 1.07 -3.64
N ARG A 10 -4.46 2.06 -4.20
CA ARG A 10 -3.79 3.29 -4.50
C ARG A 10 -3.64 4.07 -3.21
N CYS A 11 -2.71 4.95 -3.15
CA CYS A 11 -2.51 5.66 -1.94
C CYS A 11 -2.41 7.13 -2.14
N ARG A 12 -2.96 7.82 -1.21
CA ARG A 12 -2.87 9.26 -1.15
C ARG A 12 -1.65 9.61 -0.30
N ARG A 13 -1.40 8.72 0.66
CA ARG A 13 -0.26 8.79 1.59
C ARG A 13 -0.23 7.52 2.42
N ASP A 14 0.76 7.37 3.27
CA ASP A 14 0.96 6.12 4.05
C ASP A 14 -0.19 5.81 4.97
N SER A 15 -0.76 6.83 5.56
CA SER A 15 -1.90 6.71 6.45
C SER A 15 -3.16 6.23 5.70
N ASP A 16 -3.10 6.27 4.38
CA ASP A 16 -4.17 5.82 3.53
C ASP A 16 -3.99 4.33 3.19
N CYS A 17 -2.79 3.83 3.38
CA CYS A 17 -2.51 2.44 3.13
C CYS A 17 -2.79 1.62 4.39
N PRO A 18 -3.67 0.62 4.28
CA PRO A 18 -4.11 -0.20 5.40
C PRO A 18 -3.08 -1.23 5.89
N GLY A 19 -2.84 -1.23 7.20
CA GLY A 19 -2.01 -2.23 7.82
C GLY A 19 -0.54 -2.10 7.51
N ALA A 20 0.02 -3.15 6.94
CA ALA A 20 1.45 -3.22 6.64
C ALA A 20 1.77 -2.49 5.35
N CYS A 21 0.76 -2.12 4.64
CA CYS A 21 0.90 -1.46 3.38
C CYS A 21 1.45 -0.03 3.54
N ILE A 22 2.48 0.27 2.80
CA ILE A 22 3.10 1.58 2.78
C ILE A 22 2.85 2.25 1.43
N CYS A 23 2.83 3.54 1.39
CA CYS A 23 2.53 4.27 0.17
C CYS A 23 3.79 4.53 -0.63
N ARG A 24 3.72 4.34 -1.92
CA ARG A 24 4.87 4.61 -2.77
C ARG A 24 4.55 5.77 -3.71
N GLY A 25 5.61 6.34 -4.28
CA GLY A 25 5.50 7.51 -5.13
C GLY A 25 4.63 7.30 -6.35
N ASN A 26 4.58 6.07 -6.86
CA ASN A 26 3.76 5.74 -8.03
C ASN A 26 2.26 5.86 -7.74
N GLY A 27 1.91 5.98 -6.47
CA GLY A 27 0.52 6.16 -6.13
C GLY A 27 -0.15 4.92 -5.66
N TYR A 28 0.62 3.89 -5.39
CA TYR A 28 0.07 2.65 -4.89
C TYR A 28 0.76 2.20 -3.64
N CYS A 29 0.07 1.43 -2.85
CA CYS A 29 0.63 0.84 -1.67
C CYS A 29 1.63 -0.24 -2.12
N GLY A 30 2.87 -0.07 -1.71
CA GLY A 30 3.98 -0.83 -2.25
C GLY A 30 4.18 -2.20 -1.66
N SER A 31 3.84 -2.35 -0.39
CA SER A 31 4.03 -3.58 0.37
C SER A 31 3.51 -4.81 -0.34
N GLY A 32 2.42 -4.63 -1.08
CA GLY A 32 1.79 -5.71 -1.82
C GLY A 32 2.74 -6.40 -2.79
N SER A 33 3.57 -5.64 -3.43
CA SER A 33 4.52 -6.16 -4.36
C SER A 33 5.94 -5.98 -3.80
N ASP A 34 6.04 -5.77 -2.52
CA ASP A 34 7.34 -5.53 -1.92
C ASP A 34 7.74 -6.67 -1.01
#